data_7W2S
#
_entry.id   7W2S
#
_cell.length_a   177.364
_cell.length_b   54.708
_cell.length_c   83.216
_cell.angle_alpha   90.000
_cell.angle_beta   90.000
_cell.angle_gamma   90.000
#
_symmetry.space_group_name_H-M   'P 21 21 2'
#
loop_
_entity.id
_entity.type
_entity.pdbx_description
1 polymer Glucosylceramidase
2 non-polymer beta-D-glucopyranose
3 non-polymer GLYCEROL
4 non-polymer 1,2-ETHANEDIOL
5 non-polymer 'CALCIUM ION'
6 water water
#
_entity_poly.entity_id   1
_entity_poly.type   'polypeptide(L)'
_entity_poly.pdbx_seq_one_letter_code
;MHHHHHHSSGLVPRGSGMKETAAAKFERQHMDSPDLGTDDDDKAMALTGCSEKININEDKISHKIDIPDSAWTIGIGEKF
KNAGHPNVKYPMIDDSYVQGAPLGGFGAGTIGRTYNGGFSRWHLEIGKNKYTTVYANQFSVFQKVEGNKDGVAQVLYAGE
PENGYLSSWKWDYPKESGMYYALYPNSWYTYTNKDLPVQLAVKQFSPIIPYNYKETSYPVAVFKWTAYNPTNKNVDVSIM
FTWQNMIGFFGKQVNVNSGNFNKIIKDKSKDSEIVAAVMGNISNDNEEWNGEYSIGVKKVPGVDISYKAKFVTTGDGSDL
WHEFSKNGILDNKDDETPTKQDGIGSAIAVNFKLQPGQTIEVPFALSWDLPIMKFGGGDKWYKMYTKYFGKNGKNSFAIL
KEALNNYQKWEKMIDDWQKPILSNKSKPDWYKTALFNELYYLADGGTAWENGKVGEKDKRTNNMFGLLECFDYNYYETLD
VRFYGSFPLVMLWPDIEKQVMRQFADTINVQDSSEFKVGSNGAMAVKKVQGMIPHDLGSSYALPWIKINAYDWQNPNIWK
DLNSKYVLLVYRDYVLTGKTDKEFLKYTWKSVKTALDKLKEMDKDNDGIPDNEGIPDQTYDTWSMKGTSAYCGSLWLAAL
KAAQEIGKVLKDNEAYIKYNEWYKIAQQNFEKELWNGEYYNFDTESDHKDSIMADQLAGQWYADILRLGDILPKDHVQKA
LKKIYEFNVMKFENGKMGAVNGMRPDGIVDESDIQAQAVWTGVTYALASFMKYRGMTEEAYNTAYGVYKMTYDKSGKGYW
FRTPEAWTKDGNYRASMYMRPLSIWSMEVNYNEVLEHHHHHH
;
_entity_poly.pdbx_strand_id   A
#
loop_
_chem_comp.id
_chem_comp.type
_chem_comp.name
_chem_comp.formula
BGC D-saccharide, beta linking beta-D-glucopyranose 'C6 H12 O6'
CA non-polymer 'CALCIUM ION' 'Ca 2'
EDO non-polymer 1,2-ETHANEDIOL 'C2 H6 O2'
GOL non-polymer GLYCEROL 'C3 H8 O3'
#
# COMPACT_ATOMS: atom_id res chain seq x y z
N ASP A 59 -30.47 -5.27 -11.06
CA ASP A 59 -29.25 -6.10 -10.75
C ASP A 59 -29.59 -7.55 -10.43
N LYS A 60 -29.44 -8.43 -11.44
CA LYS A 60 -29.59 -9.88 -11.30
C LYS A 60 -28.24 -10.64 -11.31
N ILE A 61 -27.13 -9.94 -11.54
CA ILE A 61 -25.81 -10.56 -11.63
C ILE A 61 -25.20 -10.72 -10.24
N SER A 62 -25.51 -9.83 -9.30
CA SER A 62 -24.89 -9.88 -7.94
C SER A 62 -25.06 -11.21 -7.23
N HIS A 63 -26.19 -11.88 -7.41
CA HIS A 63 -26.44 -13.21 -6.79
C HIS A 63 -25.70 -14.39 -7.48
N LYS A 64 -25.19 -14.20 -8.71
CA LYS A 64 -24.37 -15.21 -9.36
C LYS A 64 -22.87 -15.16 -8.97
N ILE A 65 -22.48 -14.23 -8.08
CA ILE A 65 -21.05 -14.04 -7.71
C ILE A 65 -20.93 -13.87 -6.20
N ASP A 66 -19.73 -13.72 -5.67
CA ASP A 66 -19.66 -13.71 -4.22
C ASP A 66 -18.91 -12.50 -3.71
N ILE A 67 -19.62 -11.39 -3.66
CA ILE A 67 -19.03 -10.16 -3.11
C ILE A 67 -19.31 -10.13 -1.63
N PRO A 68 -18.25 -10.06 -0.79
CA PRO A 68 -18.51 -9.85 0.65
C PRO A 68 -19.24 -8.55 0.97
N ASP A 69 -20.08 -8.61 1.99
CA ASP A 69 -20.78 -7.41 2.42
C ASP A 69 -19.88 -6.28 2.89
N SER A 70 -18.67 -6.59 3.35
CA SER A 70 -17.72 -5.55 3.76
C SER A 70 -16.94 -4.89 2.61
N ALA A 71 -17.16 -5.31 1.37
CA ALA A 71 -16.48 -4.60 0.25
C ALA A 71 -16.85 -3.12 0.23
N TRP A 72 -15.88 -2.26 -0.06
CA TRP A 72 -16.13 -0.86 -0.31
C TRP A 72 -16.87 -0.77 -1.61
N THR A 73 -17.91 0.08 -1.70
CA THR A 73 -18.67 0.21 -2.94
C THR A 73 -18.85 1.64 -3.44
N ILE A 74 -18.98 1.77 -4.75
CA ILE A 74 -19.26 3.03 -5.40
C ILE A 74 -19.87 2.73 -6.78
N GLY A 75 -20.72 3.64 -7.25
CA GLY A 75 -21.27 3.54 -8.60
C GLY A 75 -20.23 3.82 -9.69
N ILE A 76 -20.29 3.03 -10.76
CA ILE A 76 -19.43 3.25 -11.89
C ILE A 76 -19.88 4.58 -12.46
N GLY A 77 -18.93 5.46 -12.66
CA GLY A 77 -19.21 6.83 -13.12
C GLY A 77 -19.72 7.82 -12.06
N GLU A 78 -19.74 7.43 -10.79
CA GLU A 78 -20.27 8.28 -9.73
C GLU A 78 -19.38 9.47 -9.56
N LYS A 79 -19.98 10.65 -9.42
CA LYS A 79 -19.21 11.84 -9.10
C LYS A 79 -19.22 11.92 -7.59
N PHE A 80 -18.13 12.39 -7.05
CA PHE A 80 -18.04 12.57 -5.59
C PHE A 80 -17.90 14.05 -5.36
N LYS A 81 -18.71 14.65 -4.50
CA LYS A 81 -18.74 16.13 -4.37
C LYS A 81 -17.85 16.66 -3.25
N ASN A 82 -17.54 15.86 -2.25
CA ASN A 82 -16.90 16.45 -1.09
C ASN A 82 -15.35 16.31 -1.03
N ALA A 83 -14.64 16.16 -2.16
CA ALA A 83 -13.26 15.60 -2.03
C ALA A 83 -12.30 16.58 -1.40
N GLY A 84 -11.38 16.07 -0.59
CA GLY A 84 -10.30 16.84 -0.06
C GLY A 84 -9.14 17.13 -1.00
N HIS A 85 -8.32 18.09 -0.60
CA HIS A 85 -7.18 18.55 -1.38
C HIS A 85 -6.03 18.79 -0.43
N PRO A 86 -4.78 18.86 -0.94
CA PRO A 86 -3.65 19.14 -0.06
C PRO A 86 -3.78 20.47 0.67
N ASN A 87 -3.37 20.50 1.92
CA ASN A 87 -3.46 21.65 2.77
C ASN A 87 -2.11 22.35 2.98
N VAL A 88 -1.09 21.98 2.20
CA VAL A 88 0.29 22.57 2.34
C VAL A 88 0.52 23.71 1.32
N LYS A 89 1.62 24.45 1.46
CA LYS A 89 1.94 25.60 0.58
C LYS A 89 2.62 25.19 -0.71
N TYR A 90 3.30 24.06 -0.67
CA TYR A 90 4.15 23.60 -1.72
C TYR A 90 3.39 22.55 -2.60
N PRO A 91 3.84 22.31 -3.84
CA PRO A 91 3.13 21.30 -4.68
C PRO A 91 3.08 19.92 -4.03
N MET A 92 1.92 19.27 -4.10
CA MET A 92 1.75 17.99 -3.46
C MET A 92 0.82 17.14 -4.35
N ILE A 93 1.09 15.84 -4.43
CA ILE A 93 0.29 14.95 -5.26
C ILE A 93 -1.21 15.03 -4.85
N ASP A 94 -2.06 15.20 -5.84
CA ASP A 94 -3.50 15.07 -5.69
C ASP A 94 -3.98 14.45 -6.98
N ASP A 95 -4.15 13.12 -6.97
CA ASP A 95 -4.60 12.43 -8.21
C ASP A 95 -6.12 12.31 -8.32
N SER A 96 -6.87 12.97 -7.44
CA SER A 96 -8.34 12.92 -7.49
C SER A 96 -8.84 11.68 -6.77
N TYR A 97 -10.14 11.64 -6.58
CA TYR A 97 -10.84 10.47 -5.99
C TYR A 97 -11.13 9.30 -6.94
N VAL A 98 -10.77 9.44 -8.22
CA VAL A 98 -10.98 8.33 -9.16
C VAL A 98 -9.81 7.36 -9.08
N GLN A 99 -9.98 6.40 -8.17
CA GLN A 99 -8.94 5.40 -7.80
C GLN A 99 -9.60 4.07 -7.66
N GLY A 100 -8.78 3.02 -7.49
CA GLY A 100 -9.30 1.68 -7.20
C GLY A 100 -8.20 0.85 -6.56
N ALA A 101 -8.53 -0.39 -6.23
CA ALA A 101 -7.58 -1.30 -5.62
C ALA A 101 -6.52 -1.66 -6.67
N PRO A 102 -5.24 -1.65 -6.30
CA PRO A 102 -4.21 -1.92 -7.32
C PRO A 102 -4.07 -3.40 -7.64
N LEU A 103 -3.47 -3.64 -8.81
CA LEU A 103 -3.16 -4.96 -9.29
C LEU A 103 -1.64 -5.04 -9.35
N GLY A 104 -1.13 -6.22 -9.06
CA GLY A 104 0.30 -6.46 -9.08
C GLY A 104 0.83 -6.86 -7.73
N GLY A 105 1.84 -7.72 -7.77
CA GLY A 105 2.49 -8.20 -6.56
C GLY A 105 3.56 -7.30 -5.96
N PHE A 106 4.05 -7.70 -4.79
CA PHE A 106 5.12 -7.00 -4.14
C PHE A 106 6.40 -6.97 -4.98
N GLY A 107 6.90 -5.78 -5.23
CA GLY A 107 8.14 -5.57 -5.97
C GLY A 107 7.93 -5.63 -7.46
N ALA A 108 6.71 -5.86 -7.91
CA ALA A 108 6.40 -6.04 -9.31
C ALA A 108 6.20 -4.78 -10.10
N GLY A 109 5.96 -3.64 -9.43
CA GLY A 109 5.26 -2.52 -10.06
C GLY A 109 3.77 -2.83 -9.99
N THR A 110 2.95 -1.84 -9.66
CA THR A 110 1.52 -2.03 -9.60
C THR A 110 0.82 -1.12 -10.56
N ILE A 111 -0.42 -1.51 -10.87
CA ILE A 111 -1.25 -0.78 -11.82
C ILE A 111 -2.59 -0.56 -11.09
N GLY A 112 -2.95 0.71 -10.91
CA GLY A 112 -4.24 1.14 -10.33
C GLY A 112 -5.30 1.25 -11.39
N ARG A 113 -6.26 0.32 -11.38
CA ARG A 113 -7.44 0.40 -12.22
C ARG A 113 -8.53 1.01 -11.39
N THR A 114 -9.14 2.07 -11.88
CA THR A 114 -10.06 2.87 -11.05
C THR A 114 -11.48 2.30 -11.12
N TYR A 115 -12.33 2.82 -10.22
CA TYR A 115 -13.72 2.40 -10.23
C TYR A 115 -14.47 2.74 -11.49
N ASN A 116 -13.96 3.68 -12.27
CA ASN A 116 -14.53 3.99 -13.58
C ASN A 116 -14.06 3.04 -14.68
N GLY A 117 -13.08 2.20 -14.38
CA GLY A 117 -12.65 1.14 -15.29
C GLY A 117 -11.30 1.40 -15.95
N GLY A 118 -10.73 2.61 -15.83
CA GLY A 118 -9.50 2.93 -16.52
C GLY A 118 -8.25 2.47 -15.79
N PHE A 119 -7.25 2.08 -16.56
CA PHE A 119 -5.94 1.75 -16.04
C PHE A 119 -5.18 3.07 -15.96
N SER A 120 -5.11 3.64 -14.76
CA SER A 120 -4.78 5.04 -14.56
C SER A 120 -3.68 5.36 -13.60
N ARG A 121 -3.50 4.59 -12.53
CA ARG A 121 -2.47 4.95 -11.55
C ARG A 121 -1.29 4.00 -11.68
N TRP A 122 -0.27 4.47 -12.41
CA TRP A 122 0.86 3.64 -12.82
C TRP A 122 2.02 3.74 -11.84
N HIS A 123 2.29 2.62 -11.18
CA HIS A 123 3.42 2.50 -10.30
C HIS A 123 4.43 1.50 -10.86
N LEU A 124 4.49 1.35 -12.18
CA LEU A 124 5.42 0.39 -12.79
C LEU A 124 6.89 0.78 -12.71
N GLU A 125 7.19 2.07 -12.79
CA GLU A 125 8.47 2.60 -12.49
C GLU A 125 8.62 2.68 -10.97
N ILE A 126 9.46 1.82 -10.42
CA ILE A 126 9.46 1.58 -9.00
C ILE A 126 9.84 2.83 -8.27
N GLY A 127 8.97 3.25 -7.38
CA GLY A 127 9.15 4.44 -6.58
C GLY A 127 8.49 5.71 -7.10
N LYS A 128 7.88 5.63 -8.29
CA LYS A 128 7.24 6.76 -8.94
C LYS A 128 5.73 6.55 -9.05
N ASN A 129 4.98 7.65 -8.98
CA ASN A 129 3.53 7.63 -9.11
C ASN A 129 3.20 8.42 -10.37
N LYS A 130 2.60 7.78 -11.37
CA LYS A 130 2.21 8.45 -12.60
C LYS A 130 0.74 8.22 -12.87
N TYR A 131 -0.08 9.28 -12.72
CA TYR A 131 -1.52 9.15 -12.91
C TYR A 131 -1.88 9.66 -14.28
N THR A 132 -2.21 8.75 -15.16
CA THR A 132 -2.64 9.06 -16.49
C THR A 132 -3.37 7.79 -17.04
N THR A 133 -4.55 7.99 -17.60
CA THR A 133 -5.32 6.89 -18.18
C THR A 133 -4.77 6.54 -19.56
N VAL A 134 -4.45 5.28 -19.76
CA VAL A 134 -3.99 4.76 -21.07
C VAL A 134 -5.26 4.25 -21.68
N TYR A 135 -5.80 5.04 -22.61
CA TYR A 135 -7.17 4.82 -23.02
C TYR A 135 -7.35 3.53 -23.80
N ALA A 136 -6.32 3.06 -24.51
CA ALA A 136 -6.42 1.76 -25.19
C ALA A 136 -6.63 0.55 -24.29
N ASN A 137 -6.31 0.67 -23.00
CA ASN A 137 -6.40 -0.44 -22.05
C ASN A 137 -7.81 -0.55 -21.48
N GLN A 138 -8.61 -1.48 -22.01
CA GLN A 138 -10.03 -1.61 -21.64
C GLN A 138 -10.57 -3.00 -21.80
N PHE A 139 -11.69 -3.23 -21.14
CA PHE A 139 -12.62 -4.26 -21.51
C PHE A 139 -13.80 -3.59 -22.23
N SER A 140 -14.25 -4.24 -23.29
CA SER A 140 -15.40 -3.80 -24.07
C SER A 140 -16.36 -4.98 -24.25
N VAL A 141 -17.63 -4.69 -24.54
CA VAL A 141 -18.69 -5.70 -24.66
C VAL A 141 -19.49 -5.43 -25.93
N PHE A 142 -19.86 -6.52 -26.59
CA PHE A 142 -20.76 -6.52 -27.74
C PHE A 142 -21.91 -7.38 -27.34
N GLN A 143 -23.13 -6.95 -27.63
CA GLN A 143 -24.28 -7.80 -27.42
C GLN A 143 -25.30 -7.65 -28.57
N LYS A 144 -25.85 -8.78 -28.98
CA LYS A 144 -26.90 -8.81 -30.00
C LYS A 144 -27.94 -9.84 -29.63
N VAL A 145 -29.19 -9.41 -29.53
CA VAL A 145 -30.30 -10.35 -29.28
C VAL A 145 -30.51 -11.14 -30.59
N GLU A 146 -30.55 -12.46 -30.49
CA GLU A 146 -30.72 -13.32 -31.66
C GLU A 146 -31.99 -12.88 -32.42
N GLY A 147 -31.85 -12.75 -33.73
CA GLY A 147 -32.89 -12.14 -34.56
C GLY A 147 -33.15 -10.70 -34.21
N ASN A 148 -32.09 -9.89 -34.23
CA ASN A 148 -32.19 -8.43 -34.42
C ASN A 148 -31.25 -8.12 -35.55
N LYS A 149 -31.42 -6.96 -36.16
CA LYS A 149 -30.58 -6.53 -37.27
C LYS A 149 -29.14 -6.32 -36.78
N ASP A 150 -29.01 -5.48 -35.76
CA ASP A 150 -27.71 -5.02 -35.25
C ASP A 150 -27.57 -5.29 -33.76
N GLY A 151 -26.32 -5.32 -33.30
CA GLY A 151 -26.01 -5.40 -31.87
C GLY A 151 -25.49 -4.05 -31.43
N VAL A 152 -25.02 -4.01 -30.19
CA VAL A 152 -24.49 -2.81 -29.59
C VAL A 152 -23.11 -3.15 -29.03
N ALA A 153 -22.17 -2.21 -29.13
CA ALA A 153 -20.82 -2.39 -28.56
C ALA A 153 -20.53 -1.19 -27.69
N GLN A 154 -19.83 -1.40 -26.57
CA GLN A 154 -19.60 -0.37 -25.57
C GLN A 154 -18.29 -0.66 -24.88
N VAL A 155 -17.44 0.36 -24.77
CA VAL A 155 -16.27 0.29 -23.88
C VAL A 155 -16.75 0.40 -22.44
N LEU A 156 -16.21 -0.46 -21.57
CA LEU A 156 -16.60 -0.45 -20.15
C LEU A 156 -15.70 0.52 -19.38
N TYR A 157 -15.84 1.78 -19.76
CA TYR A 157 -15.11 2.91 -19.20
C TYR A 157 -16.05 4.11 -19.10
N ALA A 158 -16.17 4.66 -17.89
CA ALA A 158 -17.07 5.82 -17.66
C ALA A 158 -16.32 7.10 -17.93
N GLY A 159 -16.03 7.35 -19.19
CA GLY A 159 -15.19 8.41 -19.60
C GLY A 159 -14.94 8.36 -21.11
N GLU A 160 -14.12 9.28 -21.59
CA GLU A 160 -13.64 9.22 -22.97
C GLU A 160 -12.27 9.85 -23.07
N PRO A 161 -11.55 9.60 -24.17
CA PRO A 161 -10.20 10.20 -24.29
C PRO A 161 -10.22 11.75 -24.38
N GLU A 162 -9.13 12.36 -23.93
CA GLU A 162 -8.88 13.80 -24.09
C GLU A 162 -8.83 14.24 -25.55
N ASN A 163 -8.11 13.48 -26.37
CA ASN A 163 -7.84 13.88 -27.77
C ASN A 163 -8.59 13.00 -28.73
N GLY A 164 -8.24 13.05 -30.01
CA GLY A 164 -8.96 12.31 -31.04
C GLY A 164 -8.58 10.85 -31.22
N TYR A 165 -7.62 10.34 -30.43
CA TYR A 165 -7.27 8.94 -30.59
C TYR A 165 -8.41 8.07 -30.04
N LEU A 166 -8.69 7.01 -30.78
CA LEU A 166 -9.71 6.00 -30.50
C LEU A 166 -11.12 6.59 -30.51
N SER A 167 -11.29 7.64 -31.31
CA SER A 167 -12.57 8.31 -31.38
C SER A 167 -13.68 7.39 -31.93
N SER A 168 -13.32 6.32 -32.65
CA SER A 168 -14.34 5.40 -33.23
C SER A 168 -14.99 4.52 -32.19
N TRP A 169 -14.33 4.33 -31.05
CA TRP A 169 -14.85 3.39 -30.04
C TRP A 169 -16.05 4.06 -29.35
N LYS A 170 -16.91 3.24 -28.74
CA LYS A 170 -18.08 3.76 -28.00
C LYS A 170 -17.73 4.00 -26.52
N TRP A 171 -17.47 5.26 -26.21
CA TRP A 171 -17.00 5.68 -24.91
C TRP A 171 -18.19 6.00 -23.98
N ASP A 172 -17.87 6.56 -22.80
CA ASP A 172 -18.89 7.11 -21.89
C ASP A 172 -19.89 6.08 -21.43
N TYR A 173 -19.40 5.06 -20.73
CA TYR A 173 -20.26 4.08 -20.17
C TYR A 173 -21.19 4.83 -19.23
N PRO A 174 -22.50 4.57 -19.32
CA PRO A 174 -23.40 5.50 -18.60
C PRO A 174 -23.47 5.29 -17.09
N LYS A 175 -23.83 6.37 -16.40
CA LYS A 175 -24.17 6.32 -14.95
C LYS A 175 -25.32 5.37 -14.65
N GLU A 176 -25.44 5.00 -13.37
CA GLU A 176 -26.52 4.17 -12.83
C GLU A 176 -26.64 2.81 -13.50
N SER A 177 -25.52 2.28 -13.99
CA SER A 177 -25.53 1.10 -14.83
C SER A 177 -24.49 0.06 -14.37
N GLY A 178 -24.09 0.14 -13.08
CA GLY A 178 -23.06 -0.78 -12.57
C GLY A 178 -22.38 -0.23 -11.34
N MET A 179 -21.65 -1.12 -10.65
CA MET A 179 -21.06 -0.78 -9.36
C MET A 179 -19.66 -1.37 -9.35
N TYR A 180 -18.80 -0.77 -8.55
CA TYR A 180 -17.45 -1.23 -8.27
C TYR A 180 -17.44 -1.59 -6.79
N TYR A 181 -16.73 -2.65 -6.47
CA TYR A 181 -16.63 -3.20 -5.12
C TYR A 181 -15.18 -3.54 -4.87
N ALA A 182 -14.68 -3.29 -3.66
CA ALA A 182 -13.30 -3.64 -3.37
C ALA A 182 -13.11 -4.19 -1.98
N LEU A 183 -12.41 -5.31 -1.88
CA LEU A 183 -11.95 -5.86 -0.60
C LEU A 183 -10.58 -6.48 -0.88
N TYR A 184 -9.59 -5.62 -0.83
CA TYR A 184 -8.24 -5.95 -1.32
C TYR A 184 -7.80 -7.30 -0.78
N PRO A 185 -7.24 -8.20 -1.62
CA PRO A 185 -6.73 -7.94 -2.98
C PRO A 185 -7.75 -8.09 -4.10
N ASN A 186 -9.01 -8.36 -3.77
CA ASN A 186 -10.05 -8.51 -4.75
C ASN A 186 -10.79 -7.23 -5.03
N SER A 187 -11.20 -7.05 -6.29
CA SER A 187 -12.21 -6.04 -6.61
C SER A 187 -13.14 -6.60 -7.67
N TRP A 188 -14.27 -5.95 -7.83
CA TRP A 188 -15.29 -6.38 -8.76
C TRP A 188 -15.97 -5.19 -9.42
N TYR A 189 -16.43 -5.42 -10.65
CA TYR A 189 -17.32 -4.51 -11.36
C TYR A 189 -18.55 -5.30 -11.79
N THR A 190 -19.73 -4.69 -11.66
CA THR A 190 -20.95 -5.25 -12.24
C THR A 190 -21.49 -4.28 -13.25
N TYR A 191 -22.14 -4.82 -14.30
CA TYR A 191 -22.59 -4.07 -15.45
C TYR A 191 -24.05 -4.50 -15.64
N THR A 192 -24.93 -3.60 -15.24
CA THR A 192 -26.38 -3.83 -15.21
C THR A 192 -26.98 -2.63 -15.94
N ASN A 193 -27.01 -2.74 -17.26
CA ASN A 193 -27.24 -1.65 -18.17
C ASN A 193 -28.52 -2.01 -18.90
N LYS A 194 -29.44 -1.05 -19.00
CA LYS A 194 -30.75 -1.33 -19.58
C LYS A 194 -30.65 -1.67 -21.07
N ASP A 195 -29.62 -1.19 -21.74
CA ASP A 195 -29.37 -1.55 -23.14
C ASP A 195 -28.51 -2.79 -23.35
N LEU A 196 -28.13 -3.51 -22.30
CA LEU A 196 -27.36 -4.73 -22.42
C LEU A 196 -28.13 -5.84 -21.73
N PRO A 197 -28.89 -6.63 -22.51
CA PRO A 197 -29.74 -7.63 -21.88
C PRO A 197 -28.99 -8.64 -21.06
N VAL A 198 -27.76 -9.00 -21.45
CA VAL A 198 -26.91 -9.85 -20.63
C VAL A 198 -26.13 -8.99 -19.59
N GLN A 199 -26.22 -9.40 -18.35
CA GLN A 199 -25.50 -8.75 -17.26
C GLN A 199 -24.17 -9.43 -17.06
N LEU A 200 -23.18 -8.63 -16.68
CA LEU A 200 -21.82 -9.12 -16.57
C LEU A 200 -21.23 -8.65 -15.27
N ALA A 201 -20.27 -9.44 -14.77
CA ALA A 201 -19.47 -9.01 -13.64
C ALA A 201 -18.09 -9.52 -13.86
N VAL A 202 -17.12 -8.84 -13.27
CA VAL A 202 -15.74 -9.31 -13.32
C VAL A 202 -15.20 -9.26 -11.90
N LYS A 203 -14.44 -10.29 -11.56
CA LYS A 203 -13.67 -10.30 -10.28
C LYS A 203 -12.17 -10.24 -10.69
N GLN A 204 -11.49 -9.23 -10.21
CA GLN A 204 -10.09 -8.99 -10.54
C GLN A 204 -9.23 -8.97 -9.29
N PHE A 205 -8.05 -9.52 -9.44
CA PHE A 205 -7.16 -9.68 -8.33
C PHE A 205 -5.77 -10.09 -8.75
N SER A 206 -4.84 -9.91 -7.83
CA SER A 206 -3.53 -10.51 -7.90
C SER A 206 -3.38 -11.42 -6.68
N PRO A 207 -2.52 -12.45 -6.77
CA PRO A 207 -2.41 -13.46 -5.68
C PRO A 207 -1.53 -12.94 -4.52
N ILE A 208 -2.08 -11.99 -3.75
CA ILE A 208 -1.43 -11.44 -2.56
C ILE A 208 -1.82 -12.34 -1.41
N ILE A 209 -0.85 -13.08 -0.87
CA ILE A 209 -1.16 -14.17 0.06
C ILE A 209 -0.21 -14.17 1.26
N PRO A 210 -0.71 -13.94 2.47
CA PRO A 210 0.17 -14.04 3.63
C PRO A 210 0.96 -15.37 3.71
N TYR A 211 2.18 -15.24 4.20
CA TYR A 211 3.15 -16.31 4.41
C TYR A 211 3.58 -16.94 3.09
N ASN A 212 3.31 -16.24 1.97
CA ASN A 212 3.66 -16.73 0.65
C ASN A 212 4.49 -15.59 0.06
N TYR A 213 5.73 -15.94 -0.31
CA TYR A 213 6.72 -14.99 -0.81
C TYR A 213 6.98 -15.22 -2.30
N LYS A 214 6.12 -16.00 -2.96
CA LYS A 214 6.34 -16.40 -4.33
C LYS A 214 5.26 -15.74 -5.19
N GLU A 215 4.09 -16.34 -5.25
CA GLU A 215 2.96 -15.78 -6.00
C GLU A 215 2.71 -14.31 -5.61
N THR A 216 2.93 -13.98 -4.35
CA THR A 216 2.75 -12.63 -3.83
C THR A 216 3.61 -11.60 -4.56
N SER A 217 4.73 -12.06 -5.17
CA SER A 217 5.65 -11.23 -5.97
C SER A 217 5.28 -11.04 -7.42
N TYR A 218 4.31 -11.79 -7.93
CA TYR A 218 4.08 -11.87 -9.38
C TYR A 218 3.50 -10.58 -10.00
N PRO A 219 4.00 -10.21 -11.18
CA PRO A 219 3.43 -9.11 -11.96
C PRO A 219 2.31 -9.63 -12.83
N VAL A 220 1.19 -9.89 -12.19
CA VAL A 220 0.04 -10.52 -12.86
C VAL A 220 -1.26 -10.12 -12.21
N ALA A 221 -2.30 -10.13 -13.02
CA ALA A 221 -3.67 -9.86 -12.61
C ALA A 221 -4.57 -10.81 -13.38
N VAL A 222 -5.58 -11.34 -12.68
CA VAL A 222 -6.63 -12.20 -13.26
C VAL A 222 -7.94 -11.42 -13.32
N PHE A 223 -8.69 -11.58 -14.40
CA PHE A 223 -9.98 -10.98 -14.55
C PHE A 223 -10.99 -12.09 -14.87
N LYS A 224 -11.73 -12.50 -13.86
CA LYS A 224 -12.63 -13.62 -13.99
C LYS A 224 -14.02 -13.07 -14.25
N TRP A 225 -14.50 -13.25 -15.49
CA TRP A 225 -15.79 -12.71 -15.90
C TRP A 225 -16.92 -13.70 -15.69
N THR A 226 -18.09 -13.18 -15.30
CA THR A 226 -19.33 -13.96 -15.19
C THR A 226 -20.36 -13.23 -16.05
N ALA A 227 -21.09 -13.98 -16.89
CA ALA A 227 -22.15 -13.38 -17.72
C ALA A 227 -23.41 -14.22 -17.51
N TYR A 228 -24.53 -13.54 -17.34
CA TYR A 228 -25.80 -14.14 -17.03
C TYR A 228 -26.89 -13.46 -17.88
N ASN A 229 -27.73 -14.28 -18.52
CA ASN A 229 -28.85 -13.84 -19.35
C ASN A 229 -30.18 -13.97 -18.56
N PRO A 230 -30.69 -12.87 -17.99
CA PRO A 230 -31.97 -12.95 -17.27
C PRO A 230 -33.21 -12.86 -18.20
N THR A 231 -33.01 -12.70 -19.51
CA THR A 231 -34.10 -12.40 -20.44
C THR A 231 -34.65 -13.69 -21.03
N ASN A 232 -35.73 -13.55 -21.79
CA ASN A 232 -36.38 -14.69 -22.44
C ASN A 232 -35.92 -14.87 -23.88
N LYS A 233 -34.81 -14.23 -24.29
CA LYS A 233 -34.29 -14.41 -25.64
C LYS A 233 -32.82 -14.81 -25.64
N ASN A 234 -32.40 -15.43 -26.73
CA ASN A 234 -30.99 -15.81 -26.92
C ASN A 234 -30.20 -14.53 -27.15
N VAL A 235 -29.03 -14.41 -26.52
CA VAL A 235 -28.18 -13.23 -26.73
C VAL A 235 -26.74 -13.66 -27.12
N ASP A 236 -26.22 -13.04 -28.17
CA ASP A 236 -24.81 -13.22 -28.56
C ASP A 236 -24.01 -12.18 -27.82
N VAL A 237 -22.97 -12.65 -27.15
CA VAL A 237 -22.16 -11.79 -26.30
C VAL A 237 -20.68 -11.93 -26.64
N SER A 238 -19.97 -10.81 -26.73
CA SER A 238 -18.50 -10.84 -26.76
C SER A 238 -17.93 -9.91 -25.70
N ILE A 239 -16.80 -10.34 -25.15
CA ILE A 239 -15.98 -9.56 -24.23
C ILE A 239 -14.59 -9.45 -24.85
N MET A 240 -14.07 -8.23 -24.98
CA MET A 240 -12.79 -7.93 -25.58
C MET A 240 -11.90 -7.19 -24.59
N PHE A 241 -10.69 -7.69 -24.43
CA PHE A 241 -9.61 -6.99 -23.69
C PHE A 241 -8.65 -6.37 -24.70
N THR A 242 -8.40 -5.08 -24.56
CA THR A 242 -7.43 -4.37 -25.42
C THR A 242 -6.33 -3.87 -24.52
N TRP A 243 -5.10 -3.89 -25.03
CA TRP A 243 -3.98 -3.40 -24.29
C TRP A 243 -2.98 -2.74 -25.25
N GLN A 244 -2.47 -1.59 -24.84
CA GLN A 244 -1.43 -0.87 -25.57
C GLN A 244 -0.11 -1.57 -25.28
N ASN A 245 0.71 -1.76 -26.31
CA ASN A 245 2.12 -2.15 -26.12
C ASN A 245 2.81 -0.96 -25.46
N MET A 246 3.00 -1.08 -24.15
CA MET A 246 3.49 0.00 -23.34
C MET A 246 5.00 0.01 -23.15
N ILE A 247 5.72 -0.75 -23.93
CA ILE A 247 7.19 -0.70 -23.84
C ILE A 247 7.56 0.68 -24.30
N GLY A 248 8.35 1.37 -23.48
CA GLY A 248 8.68 2.77 -23.68
C GLY A 248 7.81 3.82 -23.00
N PHE A 249 6.73 3.40 -22.36
CA PHE A 249 5.89 4.27 -21.52
C PHE A 249 6.72 4.97 -20.44
N PHE A 250 7.69 4.26 -19.84
CA PHE A 250 8.68 4.88 -18.99
C PHE A 250 10.07 4.33 -19.27
N GLY A 251 11.06 5.09 -18.84
CA GLY A 251 12.42 4.62 -18.78
C GLY A 251 13.17 4.70 -20.09
N LYS A 252 12.51 5.08 -21.18
CA LYS A 252 13.16 5.18 -22.48
C LYS A 252 13.27 6.66 -22.86
N GLN A 253 14.49 7.15 -23.12
CA GLN A 253 14.74 8.59 -23.28
C GLN A 253 14.34 9.15 -24.63
N VAL A 254 14.39 8.32 -25.67
CA VAL A 254 14.04 8.74 -27.03
C VAL A 254 13.38 7.57 -27.73
N ASN A 255 12.72 7.84 -28.84
CA ASN A 255 12.14 6.83 -29.74
C ASN A 255 11.18 5.88 -28.98
N VAL A 256 10.19 6.43 -28.29
CA VAL A 256 9.49 5.66 -27.25
C VAL A 256 8.69 4.46 -27.70
N ASN A 257 8.18 4.46 -28.93
CA ASN A 257 7.52 3.30 -29.54
C ASN A 257 8.41 2.45 -30.47
N SER A 258 9.58 2.97 -30.85
CA SER A 258 10.37 2.36 -31.90
C SER A 258 10.82 0.94 -31.55
N GLY A 259 10.55 0.01 -32.46
CA GLY A 259 10.83 -1.40 -32.27
C GLY A 259 9.74 -2.20 -31.60
N ASN A 260 8.67 -1.55 -31.11
CA ASN A 260 7.61 -2.30 -30.45
C ASN A 260 6.94 -3.18 -31.46
N PHE A 261 6.66 -4.41 -31.05
CA PHE A 261 5.95 -5.36 -31.88
C PHE A 261 5.12 -6.31 -31.06
N ASN A 262 4.09 -6.86 -31.68
CA ASN A 262 3.15 -7.71 -31.01
C ASN A 262 3.12 -9.10 -31.65
N LYS A 263 3.03 -10.16 -30.86
CA LYS A 263 2.84 -11.50 -31.39
C LYS A 263 1.75 -12.24 -30.65
N ILE A 264 1.19 -13.22 -31.32
CA ILE A 264 0.13 -14.05 -30.82
C ILE A 264 0.66 -15.47 -30.50
N ILE A 265 0.37 -15.94 -29.29
CA ILE A 265 0.74 -17.27 -28.85
C ILE A 265 -0.56 -18.02 -28.65
N LYS A 266 -0.65 -19.19 -29.29
CA LYS A 266 -1.74 -20.14 -29.06
C LYS A 266 -1.18 -21.38 -28.43
N ASP A 267 -1.54 -21.65 -27.17
CA ASP A 267 -1.04 -22.80 -26.45
C ASP A 267 -2.21 -23.77 -26.36
N LYS A 268 -2.18 -24.79 -27.21
CA LYS A 268 -3.21 -25.84 -27.29
C LYS A 268 -2.63 -27.13 -26.74
N SER A 269 -2.88 -27.39 -25.48
CA SER A 269 -2.53 -28.69 -24.88
C SER A 269 -3.79 -29.54 -24.95
N LYS A 270 -3.77 -30.75 -24.39
CA LYS A 270 -4.99 -31.56 -24.34
C LYS A 270 -6.08 -30.84 -23.56
N ASP A 271 -7.30 -31.03 -24.07
CA ASP A 271 -8.54 -30.36 -23.64
C ASP A 271 -8.39 -28.94 -23.07
N SER A 272 -7.50 -28.14 -23.67
CA SER A 272 -7.19 -26.82 -23.12
C SER A 272 -6.55 -25.86 -24.16
N GLU A 273 -6.91 -24.59 -24.06
CA GLU A 273 -6.35 -23.60 -24.95
C GLU A 273 -6.25 -22.24 -24.29
N ILE A 274 -5.07 -21.65 -24.38
CA ILE A 274 -4.84 -20.27 -24.07
C ILE A 274 -4.42 -19.55 -25.35
N VAL A 275 -5.03 -18.40 -25.58
CA VAL A 275 -4.59 -17.48 -26.59
C VAL A 275 -4.15 -16.18 -25.92
N ALA A 276 -2.96 -15.72 -26.26
CA ALA A 276 -2.38 -14.52 -25.67
C ALA A 276 -1.67 -13.66 -26.70
N ALA A 277 -1.62 -12.36 -26.39
CA ALA A 277 -0.84 -11.41 -27.14
C ALA A 277 0.34 -11.09 -26.26
N VAL A 278 1.52 -11.04 -26.87
CA VAL A 278 2.75 -10.64 -26.21
C VAL A 278 3.24 -9.40 -26.92
N MET A 279 3.44 -8.37 -26.15
CA MET A 279 3.69 -7.03 -26.62
C MET A 279 5.07 -6.67 -26.13
N GLY A 280 6.03 -6.62 -27.07
CA GLY A 280 7.42 -6.48 -26.68
C GLY A 280 8.13 -5.54 -27.60
N ASN A 281 9.47 -5.70 -27.65
CA ASN A 281 10.33 -4.86 -28.48
C ASN A 281 11.40 -5.75 -29.10
N ILE A 282 11.79 -5.43 -30.33
CA ILE A 282 12.82 -6.21 -31.03
C ILE A 282 14.19 -6.13 -30.36
N SER A 283 14.46 -5.08 -29.59
CA SER A 283 15.73 -4.93 -28.89
C SER A 283 15.87 -5.98 -27.78
N ASN A 284 17.07 -6.53 -27.64
CA ASN A 284 17.39 -7.42 -26.51
C ASN A 284 18.18 -6.68 -25.43
N ASP A 285 18.24 -5.34 -25.49
CA ASP A 285 18.82 -4.52 -24.43
C ASP A 285 18.23 -4.88 -23.05
N ASN A 286 19.10 -5.03 -22.07
CA ASN A 286 18.68 -5.36 -20.71
C ASN A 286 18.67 -4.05 -19.96
N GLU A 287 17.55 -3.35 -20.06
CA GLU A 287 17.35 -2.03 -19.47
C GLU A 287 15.98 -1.96 -18.81
N GLU A 288 15.81 -0.98 -17.93
CA GLU A 288 14.57 -0.74 -17.16
C GLU A 288 13.31 -0.72 -18.04
N TRP A 289 13.43 -0.13 -19.22
CA TRP A 289 12.28 0.08 -20.12
C TRP A 289 11.89 -1.17 -20.88
N ASN A 290 12.77 -2.16 -20.99
CA ASN A 290 12.49 -3.28 -21.89
C ASN A 290 11.89 -4.47 -21.15
N GLY A 291 11.09 -5.22 -21.88
CA GLY A 291 10.49 -6.43 -21.37
C GLY A 291 9.27 -6.69 -22.20
N GLU A 292 8.21 -7.22 -21.58
CA GLU A 292 7.00 -7.56 -22.31
C GLU A 292 5.79 -7.38 -21.46
N TYR A 293 4.68 -7.03 -22.10
CA TYR A 293 3.33 -7.13 -21.52
C TYR A 293 2.61 -8.25 -22.26
N SER A 294 1.73 -8.95 -21.55
CA SER A 294 0.88 -9.92 -22.17
C SER A 294 -0.56 -9.80 -21.67
N ILE A 295 -1.53 -9.97 -22.58
CA ILE A 295 -2.93 -10.20 -22.17
C ILE A 295 -3.41 -11.47 -22.84
N GLY A 296 -4.39 -12.13 -22.25
CA GLY A 296 -4.87 -13.33 -22.82
C GLY A 296 -6.06 -13.91 -22.13
N VAL A 297 -6.51 -15.04 -22.66
CA VAL A 297 -7.73 -15.69 -22.23
C VAL A 297 -7.60 -17.22 -22.29
N LYS A 298 -8.33 -17.91 -21.41
CA LYS A 298 -8.40 -19.35 -21.45
C LYS A 298 -9.75 -19.79 -21.96
N LYS A 299 -9.74 -20.70 -22.93
CA LYS A 299 -10.97 -21.17 -23.52
C LYS A 299 -11.74 -21.99 -22.50
N VAL A 300 -13.04 -21.85 -22.50
CA VAL A 300 -13.90 -22.66 -21.64
C VAL A 300 -14.98 -23.20 -22.59
N PRO A 301 -15.65 -24.27 -22.19
CA PRO A 301 -16.76 -24.75 -23.02
C PRO A 301 -17.82 -23.69 -23.31
N GLY A 302 -18.22 -23.58 -24.56
CA GLY A 302 -19.21 -22.60 -25.01
C GLY A 302 -18.69 -21.31 -25.60
N VAL A 303 -17.37 -21.10 -25.56
CA VAL A 303 -16.82 -19.83 -26.04
C VAL A 303 -15.86 -20.07 -27.18
N ASP A 304 -15.88 -19.18 -28.14
CA ASP A 304 -14.88 -19.09 -29.16
C ASP A 304 -13.98 -17.89 -28.85
N ILE A 305 -12.73 -17.97 -29.31
CA ILE A 305 -11.73 -16.92 -29.10
C ILE A 305 -11.40 -16.29 -30.42
N SER A 306 -11.33 -14.96 -30.45
CA SER A 306 -10.75 -14.29 -31.60
C SER A 306 -9.72 -13.24 -31.10
N TYR A 307 -8.89 -12.78 -32.02
CA TYR A 307 -7.84 -11.83 -31.68
C TYR A 307 -7.48 -10.89 -32.79
N LYS A 308 -6.82 -9.82 -32.42
CA LYS A 308 -6.17 -8.96 -33.39
C LYS A 308 -4.82 -8.59 -32.83
N ALA A 309 -3.75 -8.97 -33.52
CA ALA A 309 -2.42 -8.74 -33.01
C ALA A 309 -1.98 -7.30 -32.94
N LYS A 310 -2.37 -6.49 -33.93
CA LYS A 310 -1.87 -5.15 -34.04
C LYS A 310 -2.94 -4.15 -34.45
N PHE A 311 -3.33 -3.25 -33.55
CA PHE A 311 -4.07 -2.05 -33.99
C PHE A 311 -3.29 -0.83 -33.55
N VAL A 312 -3.58 0.31 -34.19
CA VAL A 312 -2.86 1.54 -33.96
C VAL A 312 -3.57 2.35 -32.85
N THR A 313 -2.87 2.56 -31.74
CA THR A 313 -3.42 3.31 -30.61
C THR A 313 -3.37 4.83 -30.83
N THR A 314 -2.44 5.29 -31.67
CA THR A 314 -2.31 6.71 -32.04
C THR A 314 -3.01 6.88 -33.38
N GLY A 315 -4.26 6.46 -33.42
CA GLY A 315 -5.14 6.63 -34.58
C GLY A 315 -6.57 6.55 -34.08
N ASP A 316 -7.54 6.44 -34.97
CA ASP A 316 -8.93 6.52 -34.54
C ASP A 316 -9.49 5.22 -33.99
N GLY A 317 -8.72 4.13 -34.13
CA GLY A 317 -9.05 2.85 -33.52
C GLY A 317 -10.04 2.06 -34.33
N SER A 318 -10.44 2.55 -35.52
CA SER A 318 -11.49 1.88 -36.31
C SER A 318 -10.99 0.59 -36.97
N ASP A 319 -9.67 0.45 -37.15
CA ASP A 319 -9.05 -0.83 -37.55
C ASP A 319 -9.49 -2.02 -36.65
N LEU A 320 -9.60 -1.78 -35.36
CA LEU A 320 -10.14 -2.78 -34.47
C LEU A 320 -11.69 -2.68 -34.35
N TRP A 321 -12.17 -1.47 -34.14
CA TRP A 321 -13.55 -1.29 -33.71
C TRP A 321 -14.58 -1.66 -34.79
N HIS A 322 -14.24 -1.40 -36.07
CA HIS A 322 -15.16 -1.84 -37.17
C HIS A 322 -15.45 -3.35 -37.11
N GLU A 323 -14.49 -4.15 -36.62
CA GLU A 323 -14.65 -5.61 -36.53
C GLU A 323 -15.51 -5.93 -35.31
N PHE A 324 -15.11 -5.39 -34.16
CA PHE A 324 -15.79 -5.74 -32.93
C PHE A 324 -17.24 -5.24 -32.89
N SER A 325 -17.46 -4.03 -33.40
CA SER A 325 -18.84 -3.47 -33.36
C SER A 325 -19.82 -4.14 -34.31
N LYS A 326 -19.29 -4.83 -35.32
CA LYS A 326 -20.13 -5.53 -36.30
C LYS A 326 -20.75 -6.78 -35.70
N ASN A 327 -19.94 -7.69 -35.21
CA ASN A 327 -20.46 -8.96 -34.69
C ASN A 327 -19.71 -9.51 -33.48
N GLY A 328 -18.87 -8.71 -32.88
CA GLY A 328 -18.12 -9.17 -31.72
C GLY A 328 -16.97 -10.10 -32.01
N ILE A 329 -16.55 -10.19 -33.26
CA ILE A 329 -15.57 -11.20 -33.69
C ILE A 329 -14.46 -10.48 -34.41
N LEU A 330 -13.21 -10.72 -33.97
CA LEU A 330 -12.08 -10.07 -34.54
C LEU A 330 -11.50 -10.87 -35.75
N ASP A 331 -10.58 -10.23 -36.47
CA ASP A 331 -10.08 -10.74 -37.76
C ASP A 331 -9.06 -11.89 -37.66
N ASN A 332 -8.57 -12.18 -36.45
CA ASN A 332 -7.52 -13.19 -36.24
C ASN A 332 -6.25 -12.93 -37.08
N LYS A 333 -5.94 -11.66 -37.30
CA LYS A 333 -4.81 -11.24 -38.11
C LYS A 333 -3.56 -11.14 -37.22
N ASP A 334 -2.59 -12.01 -37.49
CA ASP A 334 -1.25 -11.88 -36.91
C ASP A 334 -0.45 -10.91 -37.76
N ASP A 335 0.45 -10.17 -37.12
CA ASP A 335 1.28 -9.21 -37.80
C ASP A 335 2.36 -8.73 -36.82
N GLU A 336 3.59 -9.23 -37.03
CA GLU A 336 4.72 -8.94 -36.16
C GLU A 336 5.55 -7.73 -36.61
N THR A 337 5.07 -6.97 -37.59
CA THR A 337 5.79 -5.81 -38.03
C THR A 337 6.02 -4.81 -36.89
N PRO A 338 7.29 -4.41 -36.66
CA PRO A 338 7.55 -3.46 -35.61
C PRO A 338 7.11 -2.07 -35.99
N THR A 339 6.73 -1.29 -35.00
CA THR A 339 6.36 0.08 -35.26
C THR A 339 7.58 0.98 -35.18
N LYS A 340 7.44 2.20 -35.69
CA LYS A 340 8.44 3.26 -35.57
C LYS A 340 7.97 4.38 -34.66
N GLN A 341 7.05 5.22 -35.10
CA GLN A 341 6.50 6.30 -34.24
C GLN A 341 5.11 6.01 -33.66
N ASP A 342 4.30 5.23 -34.37
CA ASP A 342 2.93 4.99 -33.96
C ASP A 342 2.87 4.07 -32.77
N GLY A 343 1.91 4.33 -31.89
CA GLY A 343 1.60 3.44 -30.79
C GLY A 343 0.81 2.29 -31.29
N ILE A 344 1.07 1.10 -30.74
CA ILE A 344 0.31 -0.08 -31.10
C ILE A 344 -0.20 -0.84 -29.91
N GLY A 345 -1.17 -1.68 -30.16
CA GLY A 345 -1.75 -2.55 -29.16
C GLY A 345 -2.34 -3.82 -29.75
N SER A 346 -2.85 -4.66 -28.87
CA SER A 346 -3.38 -5.94 -29.19
C SER A 346 -4.76 -6.12 -28.55
N ALA A 347 -5.52 -7.02 -29.11
CA ALA A 347 -6.88 -7.31 -28.65
C ALA A 347 -7.15 -8.80 -28.61
N ILE A 348 -7.75 -9.25 -27.52
CA ILE A 348 -8.17 -10.64 -27.34
C ILE A 348 -9.65 -10.64 -26.94
N ALA A 349 -10.47 -11.42 -27.65
CA ALA A 349 -11.89 -11.42 -27.43
C ALA A 349 -12.43 -12.83 -27.29
N VAL A 350 -13.52 -12.95 -26.54
CA VAL A 350 -14.33 -14.17 -26.54
C VAL A 350 -15.73 -13.86 -27.04
N ASN A 351 -16.32 -14.80 -27.77
CA ASN A 351 -17.72 -14.69 -28.19
C ASN A 351 -18.45 -15.99 -27.82
N PHE A 352 -19.71 -15.84 -27.40
CA PHE A 352 -20.54 -16.94 -26.93
C PHE A 352 -22.01 -16.54 -27.04
N LYS A 353 -22.87 -17.54 -27.00
CA LYS A 353 -24.32 -17.33 -27.06
C LYS A 353 -24.90 -17.77 -25.75
N LEU A 354 -25.67 -16.91 -25.10
CA LEU A 354 -26.28 -17.31 -23.82
C LEU A 354 -27.74 -17.49 -24.03
N GLN A 355 -28.22 -18.66 -23.65
CA GLN A 355 -29.65 -18.93 -23.66
C GLN A 355 -30.31 -18.29 -22.44
N PRO A 356 -31.64 -18.06 -22.49
CA PRO A 356 -32.38 -17.62 -21.29
C PRO A 356 -31.97 -18.38 -20.05
N GLY A 357 -31.63 -17.66 -18.98
CA GLY A 357 -31.24 -18.27 -17.71
C GLY A 357 -29.84 -18.85 -17.57
N GLN A 358 -29.01 -18.74 -18.60
CA GLN A 358 -27.71 -19.43 -18.62
C GLN A 358 -26.61 -18.49 -18.09
N THR A 359 -25.66 -19.05 -17.36
CA THR A 359 -24.48 -18.34 -16.87
C THR A 359 -23.24 -18.93 -17.51
N ILE A 360 -22.24 -18.09 -17.81
CA ILE A 360 -20.91 -18.60 -18.19
C ILE A 360 -19.81 -17.80 -17.48
N GLU A 361 -18.69 -18.47 -17.20
CA GLU A 361 -17.53 -17.88 -16.58
C GLU A 361 -16.32 -18.00 -17.53
N VAL A 362 -15.60 -16.92 -17.77
CA VAL A 362 -14.41 -16.96 -18.62
C VAL A 362 -13.30 -16.12 -17.98
N PRO A 363 -12.08 -16.70 -17.85
CA PRO A 363 -10.97 -15.90 -17.29
C PRO A 363 -10.03 -15.29 -18.32
N PHE A 364 -9.69 -14.01 -18.08
CA PHE A 364 -8.65 -13.26 -18.81
C PHE A 364 -7.56 -12.98 -17.80
N ALA A 365 -6.39 -12.63 -18.29
CA ALA A 365 -5.27 -12.26 -17.45
C ALA A 365 -4.37 -11.25 -18.14
N LEU A 366 -3.55 -10.61 -17.32
CA LEU A 366 -2.64 -9.58 -17.77
C LEU A 366 -1.35 -9.84 -17.00
N SER A 367 -0.22 -9.79 -17.72
CA SER A 367 1.09 -9.92 -17.07
C SER A 367 2.04 -8.85 -17.60
N TRP A 368 3.07 -8.55 -16.82
CA TRP A 368 4.10 -7.62 -17.28
C TRP A 368 5.47 -8.07 -16.81
N ASP A 369 6.32 -8.47 -17.75
CA ASP A 369 7.69 -8.88 -17.43
C ASP A 369 8.62 -7.72 -17.75
N LEU A 370 8.86 -6.91 -16.75
CA LEU A 370 9.77 -5.74 -16.81
C LEU A 370 10.78 -6.05 -15.73
N PRO A 371 11.80 -6.87 -16.05
CA PRO A 371 12.62 -7.49 -14.97
C PRO A 371 13.55 -6.54 -14.19
N ILE A 372 13.88 -5.38 -14.76
CA ILE A 372 14.89 -4.47 -14.18
C ILE A 372 14.23 -3.23 -13.61
N MET A 373 14.53 -2.92 -12.36
CA MET A 373 14.20 -1.57 -11.81
C MET A 373 15.48 -0.73 -11.74
N LYS A 374 15.38 0.51 -12.16
CA LYS A 374 16.46 1.48 -12.06
C LYS A 374 16.08 2.62 -11.13
N PHE A 375 17.01 2.99 -10.27
CA PHE A 375 16.85 4.16 -9.39
C PHE A 375 17.67 5.34 -9.85
N GLY A 376 17.31 6.54 -9.41
CA GLY A 376 17.83 7.78 -9.96
C GLY A 376 19.33 7.98 -9.77
N GLY A 377 19.90 7.30 -8.77
CA GLY A 377 21.33 7.31 -8.57
C GLY A 377 22.09 6.42 -9.50
N GLY A 378 21.41 5.58 -10.31
CA GLY A 378 22.07 4.76 -11.33
C GLY A 378 21.97 3.24 -11.12
N ASP A 379 21.65 2.79 -9.91
CA ASP A 379 21.64 1.37 -9.61
C ASP A 379 20.46 0.73 -10.31
N LYS A 380 20.73 -0.42 -10.89
CA LYS A 380 19.79 -1.31 -11.56
C LYS A 380 19.74 -2.62 -10.81
N TRP A 381 18.52 -3.04 -10.46
CA TRP A 381 18.27 -4.30 -9.76
C TRP A 381 17.23 -5.14 -10.48
N TYR A 382 17.32 -6.45 -10.32
CA TYR A 382 16.27 -7.35 -10.74
C TYR A 382 15.17 -7.37 -9.73
N LYS A 383 13.92 -7.44 -10.21
CA LYS A 383 12.77 -7.57 -9.31
C LYS A 383 12.58 -9.01 -8.79
N MET A 384 11.99 -9.11 -7.61
CA MET A 384 11.83 -10.39 -6.91
C MET A 384 11.29 -11.51 -7.79
N TYR A 385 10.23 -11.24 -8.58
CA TYR A 385 9.56 -12.31 -9.31
C TYR A 385 10.52 -13.04 -10.31
N THR A 386 11.60 -12.38 -10.70
CA THR A 386 12.59 -12.93 -11.62
C THR A 386 13.19 -14.23 -11.08
N LYS A 387 13.17 -14.40 -9.77
CA LYS A 387 13.54 -15.66 -9.14
C LYS A 387 12.77 -16.85 -9.67
N TYR A 388 11.51 -16.61 -10.00
CA TYR A 388 10.59 -17.69 -10.34
C TYR A 388 10.45 -17.82 -11.84
N PHE A 389 10.67 -16.73 -12.60
CA PHE A 389 10.42 -16.75 -14.03
C PHE A 389 11.63 -16.46 -14.90
N GLY A 390 12.76 -16.06 -14.32
CA GLY A 390 13.92 -15.65 -15.10
C GLY A 390 14.04 -14.14 -15.23
N LYS A 391 15.22 -13.74 -15.70
CA LYS A 391 15.66 -12.34 -15.74
C LYS A 391 15.70 -11.71 -17.13
N ASN A 392 15.50 -12.48 -18.19
CA ASN A 392 15.75 -11.96 -19.55
C ASN A 392 14.63 -11.07 -20.15
N GLY A 393 13.50 -10.95 -19.45
CA GLY A 393 12.44 -10.09 -19.92
C GLY A 393 11.67 -10.67 -21.08
N LYS A 394 11.66 -11.99 -21.22
CA LYS A 394 10.92 -12.65 -22.31
C LYS A 394 10.00 -13.70 -21.76
N ASN A 395 9.36 -13.40 -20.61
CA ASN A 395 8.67 -14.42 -19.85
C ASN A 395 7.22 -14.06 -19.54
N SER A 396 6.66 -13.10 -20.24
CA SER A 396 5.32 -12.59 -19.88
C SER A 396 4.27 -13.70 -20.14
N PHE A 397 4.46 -14.50 -21.19
CA PHE A 397 3.50 -15.55 -21.49
C PHE A 397 3.53 -16.61 -20.40
N ALA A 398 4.72 -16.96 -19.93
CA ALA A 398 4.82 -17.95 -18.84
C ALA A 398 4.07 -17.51 -17.58
N ILE A 399 4.19 -16.23 -17.25
CA ILE A 399 3.52 -15.64 -16.06
C ILE A 399 1.99 -15.68 -16.25
N LEU A 400 1.57 -15.26 -17.44
CA LEU A 400 0.18 -15.26 -17.80
C LEU A 400 -0.44 -16.66 -17.74
N LYS A 401 0.28 -17.65 -18.27
CA LYS A 401 -0.21 -19.04 -18.31
C LYS A 401 -0.36 -19.60 -16.90
N GLU A 402 0.65 -19.36 -16.07
CA GLU A 402 0.60 -19.76 -14.68
C GLU A 402 -0.68 -19.22 -14.02
N ALA A 403 -1.06 -17.96 -14.32
CA ALA A 403 -2.24 -17.37 -13.72
C ALA A 403 -3.51 -17.99 -14.27
N LEU A 404 -3.59 -18.08 -15.59
CA LEU A 404 -4.77 -18.67 -16.19
C LEU A 404 -5.01 -20.13 -15.76
N ASN A 405 -3.95 -20.90 -15.51
CA ASN A 405 -4.12 -22.29 -15.09
C ASN A 405 -4.29 -22.46 -13.59
N ASN A 406 -3.98 -21.45 -12.77
CA ASN A 406 -4.03 -21.64 -11.31
C ASN A 406 -4.92 -20.62 -10.60
N TYR A 407 -5.68 -19.80 -11.33
CA TYR A 407 -6.36 -18.69 -10.63
C TYR A 407 -7.40 -19.17 -9.58
N GLN A 408 -8.02 -20.32 -9.83
CA GLN A 408 -9.05 -20.86 -8.94
C GLN A 408 -8.43 -21.25 -7.61
N LYS A 409 -7.23 -21.79 -7.66
CA LYS A 409 -6.48 -22.07 -6.43
C LYS A 409 -6.16 -20.76 -5.69
N TRP A 410 -5.68 -19.75 -6.42
CA TRP A 410 -5.36 -18.47 -5.82
C TRP A 410 -6.57 -17.81 -5.13
N GLU A 411 -7.73 -17.89 -5.75
CA GLU A 411 -8.98 -17.35 -5.16
C GLU A 411 -9.24 -18.02 -3.84
N LYS A 412 -9.06 -19.33 -3.80
CA LYS A 412 -9.27 -20.11 -2.56
C LYS A 412 -8.26 -19.70 -1.48
N MET A 413 -7.00 -19.52 -1.85
CA MET A 413 -5.97 -19.09 -0.88
C MET A 413 -6.28 -17.69 -0.27
N ILE A 414 -6.78 -16.79 -1.11
CA ILE A 414 -7.20 -15.48 -0.67
C ILE A 414 -8.39 -15.65 0.30
N ASP A 415 -9.40 -16.44 -0.10
CA ASP A 415 -10.57 -16.69 0.77
C ASP A 415 -10.11 -17.26 2.11
N ASP A 416 -9.12 -18.15 2.09
CA ASP A 416 -8.62 -18.79 3.33
C ASP A 416 -8.00 -17.81 4.30
N TRP A 417 -7.30 -16.80 3.79
CA TRP A 417 -6.74 -15.83 4.71
CA TRP A 417 -6.70 -15.76 4.62
C TRP A 417 -7.73 -14.74 5.12
N GLN A 418 -8.71 -14.39 4.28
CA GLN A 418 -9.68 -13.34 4.65
C GLN A 418 -10.78 -13.91 5.61
N LYS A 419 -11.02 -15.21 5.50
CA LYS A 419 -12.17 -15.86 6.15
C LYS A 419 -12.24 -15.68 7.66
N PRO A 420 -11.12 -15.84 8.36
CA PRO A 420 -11.18 -15.67 9.83
C PRO A 420 -11.71 -14.32 10.30
N ILE A 421 -11.36 -13.26 9.59
CA ILE A 421 -11.87 -11.96 9.90
C ILE A 421 -13.31 -11.82 9.40
N LEU A 422 -13.55 -12.20 8.16
CA LEU A 422 -14.88 -12.00 7.60
C LEU A 422 -15.95 -12.80 8.34
N SER A 423 -15.58 -13.96 8.87
CA SER A 423 -16.52 -14.83 9.57
C SER A 423 -16.72 -14.46 11.06
N ASN A 424 -15.98 -13.49 11.59
CA ASN A 424 -16.16 -12.99 12.94
C ASN A 424 -17.28 -11.91 12.94
N LYS A 425 -18.48 -12.38 13.31
CA LYS A 425 -19.66 -11.52 13.37
C LYS A 425 -19.71 -10.56 14.56
N SER A 426 -18.77 -10.64 15.51
CA SER A 426 -18.66 -9.57 16.50
C SER A 426 -18.02 -8.29 15.97
N LYS A 427 -17.37 -8.34 14.79
CA LYS A 427 -16.65 -7.17 14.26
C LYS A 427 -17.54 -6.53 13.20
N PRO A 428 -17.71 -5.20 13.25
CA PRO A 428 -18.57 -4.55 12.27
C PRO A 428 -17.96 -4.61 10.87
N ASP A 429 -18.81 -4.60 9.86
CA ASP A 429 -18.32 -4.64 8.49
C ASP A 429 -17.41 -3.45 8.09
N TRP A 430 -17.70 -2.25 8.62
CA TRP A 430 -16.90 -1.07 8.28
C TRP A 430 -15.44 -1.28 8.66
N TYR A 431 -15.21 -1.92 9.79
CA TYR A 431 -13.87 -2.23 10.27
C TYR A 431 -13.14 -3.17 9.35
N LYS A 432 -13.87 -4.15 8.82
CA LYS A 432 -13.31 -5.08 7.86
C LYS A 432 -12.97 -4.40 6.55
N THR A 433 -13.82 -3.48 6.11
CA THR A 433 -13.55 -2.68 4.93
C THR A 433 -12.20 -1.97 5.02
N ALA A 434 -11.98 -1.31 6.15
CA ALA A 434 -10.73 -0.60 6.42
C ALA A 434 -9.57 -1.55 6.60
N LEU A 435 -9.75 -2.60 7.37
CA LEU A 435 -8.64 -3.52 7.60
C LEU A 435 -8.04 -4.13 6.31
N PHE A 436 -8.87 -4.67 5.43
CA PHE A 436 -8.36 -5.23 4.19
C PHE A 436 -7.93 -4.20 3.16
N ASN A 437 -8.73 -3.15 2.99
CA ASN A 437 -8.44 -2.14 1.99
C ASN A 437 -7.22 -1.27 2.29
N GLU A 438 -6.87 -1.06 3.55
CA GLU A 438 -5.63 -0.37 3.86
C GLU A 438 -4.37 -1.11 3.32
N LEU A 439 -4.47 -2.44 3.16
CA LEU A 439 -3.39 -3.27 2.68
C LEU A 439 -2.99 -3.01 1.26
N TYR A 440 -3.79 -2.27 0.49
CA TYR A 440 -3.43 -1.83 -0.86
C TYR A 440 -1.99 -1.25 -0.88
N TYR A 441 -1.61 -0.56 0.20
CA TYR A 441 -0.36 0.18 0.27
C TYR A 441 0.91 -0.71 0.24
N LEU A 442 0.81 -1.95 0.70
CA LEU A 442 1.98 -2.89 0.72
C LEU A 442 2.46 -3.14 -0.69
N ALA A 443 1.51 -3.34 -1.61
CA ALA A 443 1.85 -3.44 -3.04
C ALA A 443 2.04 -2.09 -3.71
N ASP A 444 1.22 -1.09 -3.37
CA ASP A 444 1.16 0.20 -4.06
C ASP A 444 2.19 1.22 -3.61
N GLY A 445 2.88 0.97 -2.51
CA GLY A 445 3.84 1.95 -1.99
C GLY A 445 5.26 1.94 -2.55
N GLY A 446 5.42 1.87 -3.88
CA GLY A 446 6.75 1.96 -4.50
C GLY A 446 7.66 0.81 -4.10
N THR A 447 7.03 -0.32 -3.83
CA THR A 447 7.65 -1.38 -3.15
C THR A 447 8.75 -1.96 -3.98
N ALA A 448 9.93 -2.07 -3.36
CA ALA A 448 11.12 -2.58 -4.03
C ALA A 448 11.60 -3.86 -3.36
N TRP A 449 11.82 -4.91 -4.15
CA TRP A 449 12.19 -6.23 -3.63
C TRP A 449 13.14 -6.87 -4.61
N GLU A 450 14.43 -6.85 -4.26
CA GLU A 450 15.50 -7.12 -5.23
C GLU A 450 15.93 -8.59 -5.24
N ASN A 451 16.22 -9.09 -6.44
CA ASN A 451 16.78 -10.40 -6.70
C ASN A 451 18.13 -10.28 -7.44
N GLY A 452 18.96 -9.39 -6.95
CA GLY A 452 20.31 -9.17 -7.50
C GLY A 452 20.49 -7.81 -8.17
N LYS A 453 21.71 -7.27 -8.06
CA LYS A 453 22.13 -6.10 -8.80
C LYS A 453 22.45 -6.54 -10.21
N VAL A 454 22.07 -5.73 -11.20
CA VAL A 454 22.33 -6.07 -12.56
C VAL A 454 23.88 -6.00 -12.74
N GLY A 455 24.45 -6.99 -13.40
CA GLY A 455 25.93 -7.13 -13.47
C GLY A 455 26.38 -8.35 -12.68
N GLU A 456 26.53 -8.21 -11.37
CA GLU A 456 26.93 -9.33 -10.51
C GLU A 456 25.75 -10.26 -10.27
N LYS A 459 25.76 -13.78 -6.01
CA LYS A 459 24.40 -13.78 -5.48
C LYS A 459 24.38 -14.05 -3.97
N ARG A 460 23.72 -13.18 -3.21
CA ARG A 460 23.52 -13.33 -1.76
C ARG A 460 22.40 -14.31 -1.43
N THR A 461 22.15 -14.55 -0.14
CA THR A 461 21.04 -15.43 0.25
C THR A 461 19.74 -14.69 0.60
N ASN A 462 19.80 -13.35 0.72
CA ASN A 462 18.63 -12.54 1.05
C ASN A 462 18.24 -11.59 -0.06
N ASN A 463 16.97 -11.21 -0.03
CA ASN A 463 16.39 -10.28 -1.00
C ASN A 463 16.02 -9.00 -0.25
N MET A 464 16.73 -7.91 -0.51
CA MET A 464 16.47 -6.67 0.21
C MET A 464 15.12 -6.14 -0.19
N PHE A 465 14.45 -5.49 0.75
CA PHE A 465 13.07 -5.01 0.60
C PHE A 465 12.96 -3.58 1.07
N GLY A 466 12.06 -2.83 0.41
CA GLY A 466 11.69 -1.52 0.95
C GLY A 466 10.34 -1.06 0.47
N LEU A 467 9.57 -0.53 1.40
CA LEU A 467 8.29 0.14 1.17
C LEU A 467 8.48 1.64 1.37
N LEU A 468 8.02 2.46 0.44
CA LEU A 468 8.09 3.89 0.65
C LEU A 468 7.21 4.35 1.80
N GLU A 469 7.70 5.35 2.51
CA GLU A 469 6.87 6.19 3.40
C GLU A 469 5.64 6.77 2.69
N CYS A 470 5.87 7.29 1.50
CA CYS A 470 4.88 7.81 0.57
C CYS A 470 5.66 8.29 -0.66
N PHE A 471 4.95 8.84 -1.63
CA PHE A 471 5.54 9.36 -2.86
C PHE A 471 6.00 10.81 -2.82
N ASP A 472 5.29 11.65 -2.04
CA ASP A 472 5.68 13.04 -1.82
C ASP A 472 7.01 13.13 -1.06
N TYR A 473 7.20 12.28 -0.06
CA TYR A 473 8.45 12.18 0.68
C TYR A 473 9.01 10.77 0.39
N ASN A 474 9.82 10.72 -0.65
CA ASN A 474 10.19 9.45 -1.31
C ASN A 474 11.36 8.79 -0.58
N TYR A 475 11.08 8.23 0.58
CA TYR A 475 12.07 7.62 1.46
C TYR A 475 11.65 6.18 1.75
N TYR A 476 12.61 5.25 1.63
CA TYR A 476 12.35 3.84 1.88
C TYR A 476 12.44 3.49 3.36
N GLU A 477 11.39 2.83 3.86
CA GLU A 477 11.34 2.23 5.18
C GLU A 477 11.54 3.20 6.35
N THR A 478 11.09 4.43 6.18
CA THR A 478 11.22 5.44 7.25
C THR A 478 10.89 4.83 8.63
N LEU A 479 11.87 4.80 9.51
CA LEU A 479 11.76 3.92 10.67
C LEU A 479 10.77 4.46 11.70
N ASP A 480 10.70 5.78 11.82
CA ASP A 480 9.81 6.41 12.79
C ASP A 480 8.39 6.24 12.35
N VAL A 481 8.20 6.07 11.03
CA VAL A 481 6.88 5.74 10.44
C VAL A 481 6.56 4.23 10.44
N ARG A 482 7.55 3.39 10.08
CA ARG A 482 7.36 1.91 10.07
C ARG A 482 7.05 1.35 11.47
N PHE A 483 7.47 2.07 12.52
CA PHE A 483 7.07 1.75 13.90
C PHE A 483 5.55 1.51 13.97
N TYR A 484 4.80 2.29 13.20
CA TYR A 484 3.34 2.16 13.07
C TYR A 484 2.94 1.28 11.88
N GLY A 485 3.56 1.55 10.72
CA GLY A 485 3.12 1.02 9.47
C GLY A 485 3.53 -0.40 9.08
N SER A 486 4.40 -1.04 9.86
CA SER A 486 4.96 -2.33 9.47
C SER A 486 4.16 -3.51 10.07
N PHE A 487 3.07 -3.21 10.79
CA PHE A 487 2.25 -4.28 11.35
C PHE A 487 1.78 -5.39 10.40
N PRO A 488 1.30 -5.04 9.20
CA PRO A 488 0.91 -6.09 8.29
C PRO A 488 2.10 -6.97 7.90
N LEU A 489 3.30 -6.39 7.80
CA LEU A 489 4.46 -7.21 7.41
C LEU A 489 4.84 -8.20 8.51
N VAL A 490 4.96 -7.73 9.76
CA VAL A 490 5.29 -8.68 10.84
C VAL A 490 4.19 -9.76 11.00
N MET A 491 2.93 -9.39 10.84
N MET A 491 2.92 -9.36 10.89
CA MET A 491 1.81 -10.31 11.09
CA MET A 491 1.78 -10.27 11.07
C MET A 491 1.49 -11.25 9.93
C MET A 491 1.69 -11.31 9.95
N LEU A 492 1.84 -10.85 8.70
CA LEU A 492 1.46 -11.57 7.53
C LEU A 492 2.59 -11.94 6.58
N TRP A 493 3.72 -11.21 6.61
CA TRP A 493 4.91 -11.58 5.83
C TRP A 493 6.15 -11.42 6.67
N PRO A 494 6.26 -12.18 7.77
CA PRO A 494 7.28 -11.91 8.74
C PRO A 494 8.72 -12.10 8.22
N ASP A 495 8.93 -12.95 7.21
CA ASP A 495 10.30 -13.09 6.64
C ASP A 495 10.78 -11.78 5.99
N ILE A 496 9.87 -11.03 5.38
CA ILE A 496 10.19 -9.69 4.89
C ILE A 496 10.50 -8.71 6.02
N GLU A 497 9.66 -8.71 7.03
CA GLU A 497 9.83 -7.86 8.17
C GLU A 497 11.19 -8.06 8.82
N LYS A 498 11.59 -9.31 9.07
CA LYS A 498 12.90 -9.54 9.67
C LYS A 498 14.07 -9.10 8.79
N GLN A 499 13.95 -9.31 7.49
CA GLN A 499 14.94 -8.83 6.53
C GLN A 499 15.10 -7.32 6.62
N VAL A 500 13.98 -6.59 6.67
CA VAL A 500 14.06 -5.12 6.80
C VAL A 500 14.76 -4.73 8.08
N MET A 501 14.44 -5.41 9.17
CA MET A 501 15.10 -5.07 10.44
C MET A 501 16.58 -5.39 10.47
N ARG A 502 16.98 -6.49 9.81
CA ARG A 502 18.42 -6.78 9.67
C ARG A 502 19.13 -5.71 8.81
N GLN A 503 18.44 -5.20 7.78
CA GLN A 503 18.95 -4.05 7.00
C GLN A 503 19.28 -2.89 7.91
N PHE A 504 18.37 -2.53 8.80
CA PHE A 504 18.65 -1.50 9.75
C PHE A 504 19.78 -1.86 10.71
N ALA A 505 19.77 -3.09 11.22
CA ALA A 505 20.88 -3.53 12.14
C ALA A 505 22.24 -3.27 11.49
N ASP A 506 22.34 -3.58 10.21
CA ASP A 506 23.60 -3.43 9.46
C ASP A 506 24.04 -1.96 9.34
N THR A 507 23.10 -1.01 9.43
CA THR A 507 23.48 0.39 9.24
C THR A 507 23.92 1.07 10.52
N ILE A 508 23.74 0.44 11.69
CA ILE A 508 23.86 1.25 12.91
C ILE A 508 25.27 1.87 13.09
N ASN A 509 26.32 1.12 12.76
CA ASN A 509 27.71 1.61 12.89
C ASN A 509 28.31 2.18 11.63
N VAL A 510 27.47 2.39 10.61
CA VAL A 510 27.88 3.16 9.44
C VAL A 510 28.11 4.61 9.89
N GLN A 511 29.20 5.19 9.39
CA GLN A 511 29.54 6.60 9.60
C GLN A 511 29.76 7.23 8.23
N ASP A 512 29.09 8.36 8.01
CA ASP A 512 29.26 9.10 6.78
C ASP A 512 29.47 10.53 7.22
N SER A 513 30.72 10.96 7.16
CA SER A 513 31.15 12.28 7.68
C SER A 513 30.90 13.47 6.77
N SER A 514 30.48 13.22 5.52
CA SER A 514 30.08 14.30 4.63
C SER A 514 28.87 15.00 5.19
N GLU A 515 28.66 16.24 4.76
CA GLU A 515 27.67 17.09 5.36
C GLU A 515 26.56 17.42 4.41
N PHE A 516 25.37 17.64 4.96
CA PHE A 516 24.20 18.05 4.20
C PHE A 516 23.60 19.25 4.90
N LYS A 517 22.82 20.01 4.16
CA LYS A 517 22.13 21.15 4.68
C LYS A 517 20.78 20.72 5.24
N VAL A 518 20.56 21.01 6.51
CA VAL A 518 19.34 20.69 7.20
C VAL A 518 18.31 21.71 6.74
N GLY A 519 17.17 21.23 6.24
CA GLY A 519 16.17 22.06 5.62
C GLY A 519 15.47 23.03 6.55
N SER A 520 15.20 22.61 7.78
CA SER A 520 14.40 23.44 8.68
C SER A 520 15.13 24.71 9.16
N ASN A 521 16.45 24.67 9.28
CA ASN A 521 17.22 25.80 9.82
C ASN A 521 18.42 26.24 8.98
N GLY A 522 18.75 25.52 7.89
CA GLY A 522 19.91 25.83 7.07
C GLY A 522 21.27 25.45 7.61
N ALA A 523 21.35 24.75 8.74
CA ALA A 523 22.65 24.35 9.29
C ALA A 523 23.17 23.14 8.52
N MET A 524 24.49 22.97 8.57
CA MET A 524 25.17 21.83 8.01
C MET A 524 25.28 20.77 9.10
N ALA A 525 25.09 19.51 8.72
CA ALA A 525 25.21 18.38 9.67
C ALA A 525 25.80 17.19 8.99
N VAL A 526 26.41 16.33 9.79
CA VAL A 526 26.95 15.08 9.33
C VAL A 526 25.80 14.15 8.88
N LYS A 527 25.98 13.50 7.75
CA LYS A 527 24.99 12.61 7.12
C LYS A 527 24.58 11.42 8.01
N LYS A 528 25.56 10.71 8.58
CA LYS A 528 25.26 9.50 9.35
C LYS A 528 26.29 9.31 10.45
N VAL A 529 25.80 9.28 11.69
CA VAL A 529 26.66 9.20 12.87
C VAL A 529 26.66 7.76 13.35
N GLN A 530 27.85 7.26 13.71
CA GLN A 530 28.01 5.90 14.20
C GLN A 530 27.15 5.73 15.46
N GLY A 531 26.37 4.67 15.51
CA GLY A 531 25.53 4.37 16.67
C GLY A 531 24.12 4.90 16.65
N MET A 532 23.79 5.72 15.65
CA MET A 532 22.49 6.29 15.53
C MET A 532 21.78 5.54 14.39
N ILE A 533 20.55 5.11 14.65
CA ILE A 533 19.75 4.44 13.64
C ILE A 533 19.39 5.49 12.55
N PRO A 534 19.40 5.08 11.28
CA PRO A 534 19.04 6.07 10.26
C PRO A 534 17.56 6.28 10.18
N HIS A 535 17.17 7.44 9.66
CA HIS A 535 15.79 7.76 9.41
C HIS A 535 15.14 6.85 8.35
N ASP A 536 15.89 6.56 7.28
CA ASP A 536 15.42 5.83 6.12
C ASP A 536 16.59 5.17 5.42
N LEU A 537 16.24 4.32 4.45
CA LEU A 537 17.21 3.54 3.68
C LEU A 537 17.34 4.02 2.27
N GLY A 538 17.11 5.30 2.07
CA GLY A 538 17.37 5.99 0.80
C GLY A 538 16.09 6.38 0.09
N SER A 539 16.30 6.86 -1.12
CA SER A 539 15.23 7.35 -1.98
C SER A 539 15.28 6.69 -3.35
N SER A 540 14.10 6.45 -3.98
CA SER A 540 14.05 5.95 -5.35
C SER A 540 14.70 6.93 -6.37
N TYR A 541 14.83 8.21 -6.00
CA TYR A 541 15.54 9.19 -6.83
C TYR A 541 17.05 9.07 -6.69
N ALA A 542 17.50 8.26 -5.73
CA ALA A 542 18.91 8.12 -5.45
C ALA A 542 19.30 6.64 -5.36
N LEU A 543 19.79 6.14 -4.22
CA LEU A 543 20.30 4.77 -4.15
C LEU A 543 19.72 4.01 -2.92
N PRO A 544 18.51 3.47 -3.10
CA PRO A 544 17.90 2.61 -2.08
C PRO A 544 18.85 1.54 -1.57
N TRP A 545 18.86 1.41 -0.25
CA TRP A 545 19.66 0.42 0.47
C TRP A 545 21.15 0.78 0.55
N ILE A 546 21.62 1.69 -0.29
CA ILE A 546 23.06 1.96 -0.42
C ILE A 546 23.34 3.32 0.20
N LYS A 547 22.62 4.38 -0.20
CA LYS A 547 22.76 5.69 0.44
C LYS A 547 21.57 5.97 1.33
N ILE A 548 21.77 5.81 2.63
CA ILE A 548 20.71 5.95 3.64
C ILE A 548 20.58 7.40 4.06
N ASN A 549 19.57 7.70 4.87
CA ASN A 549 19.28 9.05 5.32
C ASN A 549 19.10 10.03 4.17
N ALA A 550 18.27 9.67 3.21
CA ALA A 550 17.90 10.61 2.16
C ALA A 550 17.13 11.83 2.74
N TYR A 551 16.39 11.62 3.84
CA TYR A 551 15.67 12.68 4.49
C TYR A 551 16.63 13.79 5.03
N ASP A 552 16.23 15.05 4.85
CA ASP A 552 17.05 16.20 5.27
C ASP A 552 16.33 17.41 5.89
N TRP A 553 15.01 17.34 6.15
CA TRP A 553 14.29 18.42 6.75
C TRP A 553 14.79 18.72 8.17
N GLN A 554 15.10 17.64 8.90
CA GLN A 554 15.76 17.67 10.19
C GLN A 554 16.97 16.76 10.15
N ASN A 555 17.80 16.84 11.17
CA ASN A 555 18.92 15.95 11.30
C ASN A 555 18.48 14.69 12.11
N PRO A 556 18.33 13.53 11.44
CA PRO A 556 17.82 12.32 12.16
C PRO A 556 18.85 11.74 13.13
N ASN A 557 20.13 12.08 12.97
CA ASN A 557 21.16 11.63 13.90
C ASN A 557 21.05 12.19 15.33
N ILE A 558 20.21 13.19 15.55
CA ILE A 558 19.89 13.65 16.92
C ILE A 558 18.45 13.34 17.31
N TRP A 559 17.77 12.49 16.54
CA TRP A 559 16.38 12.14 16.96
C TRP A 559 16.38 11.29 18.22
N LYS A 560 15.37 11.49 19.04
CA LYS A 560 15.26 10.85 20.32
C LYS A 560 14.32 9.63 20.26
N ASP A 561 13.61 9.42 19.16
CA ASP A 561 12.71 8.25 19.03
C ASP A 561 13.26 7.10 18.18
N LEU A 562 14.17 7.39 17.23
CA LEU A 562 14.61 6.37 16.28
C LEU A 562 15.28 5.21 16.97
N ASN A 563 16.25 5.49 17.84
CA ASN A 563 16.95 4.39 18.46
C ASN A 563 16.04 3.50 19.35
N SER A 564 15.08 4.10 20.08
CA SER A 564 14.16 3.34 20.95
CA SER A 564 14.19 3.33 20.94
C SER A 564 13.17 2.57 20.09
N LYS A 565 12.68 3.24 19.05
CA LYS A 565 11.77 2.57 18.13
C LYS A 565 12.40 1.35 17.45
N TYR A 566 13.69 1.47 17.11
CA TYR A 566 14.42 0.37 16.51
C TYR A 566 14.42 -0.88 17.43
N VAL A 567 14.77 -0.65 18.68
CA VAL A 567 14.80 -1.74 19.67
C VAL A 567 13.42 -2.39 19.85
N LEU A 568 12.39 -1.56 19.93
CA LEU A 568 11.01 -2.02 20.10
C LEU A 568 10.56 -2.81 18.89
N LEU A 569 10.97 -2.38 17.69
CA LEU A 569 10.65 -3.12 16.46
C LEU A 569 11.31 -4.48 16.48
N VAL A 570 12.55 -4.52 16.94
CA VAL A 570 13.27 -5.76 17.03
C VAL A 570 12.54 -6.71 17.95
N TYR A 571 12.24 -6.25 19.15
CA TYR A 571 11.62 -7.17 20.13
C TYR A 571 10.18 -7.55 19.67
N ARG A 572 9.47 -6.60 19.08
CA ARG A 572 8.17 -6.93 18.49
C ARG A 572 8.22 -8.11 17.55
N ASP A 573 9.19 -8.04 16.64
CA ASP A 573 9.33 -9.02 15.58
C ASP A 573 9.66 -10.43 16.15
N TYR A 574 10.40 -10.46 17.24
CA TYR A 574 10.58 -11.72 18.00
C TYR A 574 9.27 -12.20 18.67
N VAL A 575 8.58 -11.33 19.38
CA VAL A 575 7.35 -11.68 20.10
C VAL A 575 6.21 -12.13 19.19
N LEU A 576 5.95 -11.36 18.14
CA LEU A 576 4.81 -11.65 17.28
C LEU A 576 5.05 -12.78 16.25
N THR A 577 6.26 -13.33 16.19
CA THR A 577 6.54 -14.54 15.42
C THR A 577 6.78 -15.76 16.34
N GLY A 578 6.30 -15.67 17.57
CA GLY A 578 6.19 -16.83 18.46
C GLY A 578 7.26 -16.96 19.51
N LYS A 579 8.09 -15.92 19.71
CA LYS A 579 9.23 -16.01 20.64
C LYS A 579 10.15 -17.21 20.38
N THR A 580 10.41 -17.55 19.13
CA THR A 580 11.31 -18.66 18.82
C THR A 580 12.58 -18.25 18.12
N ASP A 581 12.62 -17.06 17.53
CA ASP A 581 13.70 -16.72 16.62
C ASP A 581 14.84 -16.09 17.39
N LYS A 582 15.58 -16.92 18.15
CA LYS A 582 16.78 -16.44 18.86
C LYS A 582 17.87 -15.94 17.94
N GLU A 583 18.02 -16.60 16.80
CA GLU A 583 19.01 -16.21 15.81
C GLU A 583 18.78 -14.74 15.37
N PHE A 584 17.52 -14.32 15.20
CA PHE A 584 17.19 -12.90 14.86
C PHE A 584 17.61 -11.97 16.02
N LEU A 585 17.37 -12.38 17.26
CA LEU A 585 17.84 -11.60 18.38
C LEU A 585 19.34 -11.54 18.45
N LYS A 586 20.02 -12.64 18.17
CA LYS A 586 21.47 -12.65 18.15
C LYS A 586 22.05 -11.71 17.10
N TYR A 587 21.52 -11.80 15.88
CA TYR A 587 21.93 -10.93 14.76
C TYR A 587 21.87 -9.47 15.13
N THR A 588 20.80 -9.06 15.82
CA THR A 588 20.51 -7.68 16.09
C THR A 588 21.01 -7.19 17.48
N TRP A 589 21.53 -8.07 18.33
CA TRP A 589 21.80 -7.69 19.74
C TRP A 589 22.81 -6.57 19.89
N LYS A 590 23.93 -6.68 19.18
CA LYS A 590 24.93 -5.61 19.25
C LYS A 590 24.37 -4.26 18.87
N SER A 591 23.54 -4.23 17.84
CA SER A 591 22.92 -2.99 17.42
C SER A 591 21.94 -2.44 18.45
N VAL A 592 21.19 -3.32 19.12
CA VAL A 592 20.23 -2.90 20.14
C VAL A 592 20.98 -2.23 21.30
N LYS A 593 22.01 -2.91 21.79
CA LYS A 593 22.81 -2.32 22.86
C LYS A 593 23.44 -0.99 22.50
N THR A 594 24.00 -0.90 21.29
CA THR A 594 24.59 0.33 20.81
C THR A 594 23.57 1.42 20.72
N ALA A 595 22.39 1.09 20.20
CA ALA A 595 21.33 2.05 20.05
C ALA A 595 20.94 2.68 21.38
N LEU A 596 20.69 1.87 22.38
CA LEU A 596 20.33 2.36 23.70
C LEU A 596 21.47 3.12 24.41
N ASP A 597 22.68 2.61 24.28
CA ASP A 597 23.85 3.30 24.90
C ASP A 597 24.06 4.70 24.34
N LYS A 598 23.91 4.86 23.02
CA LYS A 598 24.03 6.16 22.38
C LYS A 598 22.92 7.11 22.75
N LEU A 599 21.71 6.61 22.87
CA LEU A 599 20.61 7.45 23.26
C LEU A 599 20.74 7.96 24.72
N LYS A 600 21.27 7.12 25.59
CA LYS A 600 21.53 7.47 26.98
C LYS A 600 22.45 8.68 27.15
N GLU A 601 23.41 8.85 26.24
CA GLU A 601 24.30 10.03 26.22
C GLU A 601 23.58 11.35 25.95
N MET A 602 22.34 11.28 25.43
CA MET A 602 21.55 12.47 25.20
C MET A 602 20.76 12.91 26.42
N ASP A 603 20.94 12.21 27.55
CA ASP A 603 20.40 12.66 28.81
C ASP A 603 21.29 13.81 29.31
N LYS A 604 20.82 15.04 29.26
CA LYS A 604 21.63 16.20 29.68
C LYS A 604 21.59 16.53 31.16
N ASP A 605 20.51 16.19 31.85
CA ASP A 605 20.29 16.66 33.24
C ASP A 605 20.30 15.51 34.26
N ASN A 606 20.80 14.36 33.85
CA ASN A 606 20.94 13.21 34.71
C ASN A 606 19.65 12.69 35.39
N ASP A 607 18.50 12.80 34.73
CA ASP A 607 17.28 12.09 35.20
C ASP A 607 17.13 10.65 34.60
N GLY A 608 18.08 10.23 33.75
CA GLY A 608 18.10 8.89 33.18
C GLY A 608 17.28 8.73 31.89
N ILE A 609 16.89 9.85 31.27
CA ILE A 609 15.97 9.87 30.13
C ILE A 609 16.57 10.79 29.08
N PRO A 610 16.61 10.39 27.80
CA PRO A 610 17.11 11.38 26.84
C PRO A 610 16.31 12.70 26.87
N ASP A 611 16.97 13.85 26.65
CA ASP A 611 16.31 15.17 26.63
C ASP A 611 15.98 15.59 25.21
N ASN A 612 14.70 15.89 24.93
CA ASN A 612 14.36 16.54 23.68
C ASN A 612 14.97 17.97 23.75
N GLU A 613 15.45 18.46 22.61
CA GLU A 613 16.28 19.68 22.58
C GLU A 613 15.59 21.00 22.18
N GLY A 614 14.27 21.06 22.33
CA GLY A 614 13.50 22.26 21.97
C GLY A 614 13.37 22.47 20.49
N ILE A 615 13.55 21.38 19.75
CA ILE A 615 13.35 21.37 18.32
C ILE A 615 12.52 20.11 17.99
N PRO A 616 12.06 19.98 16.74
CA PRO A 616 11.38 18.73 16.35
C PRO A 616 12.36 17.57 16.10
N ASP A 617 12.76 16.91 17.18
CA ASP A 617 13.75 15.84 17.12
C ASP A 617 13.14 14.41 17.26
N GLN A 618 12.08 14.17 16.49
CA GLN A 618 11.40 12.93 16.46
C GLN A 618 10.38 12.99 15.31
N THR A 619 9.58 11.94 15.17
CA THR A 619 8.65 11.81 14.03
C THR A 619 7.70 12.97 13.77
N TYR A 620 7.27 13.67 14.82
CA TYR A 620 6.47 14.90 14.65
C TYR A 620 7.46 16.01 14.36
N ASP A 621 7.89 16.03 13.09
CA ASP A 621 9.13 16.71 12.69
C ASP A 621 8.95 18.22 12.44
N THR A 622 7.79 18.78 12.78
CA THR A 622 7.67 20.24 12.98
C THR A 622 7.16 20.63 14.34
N TRP A 623 6.95 19.66 15.25
CA TRP A 623 6.36 19.90 16.56
C TRP A 623 7.49 19.70 17.55
N SER A 624 7.96 20.80 18.13
N SER A 624 8.00 20.79 18.11
CA SER A 624 9.11 20.76 19.04
CA SER A 624 9.17 20.72 18.98
C SER A 624 8.76 20.12 20.38
C SER A 624 8.81 20.17 20.37
N MET A 625 9.69 19.34 20.91
CA MET A 625 9.62 18.83 22.25
C MET A 625 10.88 19.30 22.97
N LYS A 626 10.76 19.46 24.30
CA LYS A 626 11.84 19.97 25.14
C LYS A 626 11.80 19.34 26.53
N GLY A 627 12.95 18.81 26.91
CA GLY A 627 13.08 18.13 28.20
C GLY A 627 12.66 16.68 28.10
N THR A 628 11.93 16.20 29.11
CA THR A 628 11.43 14.82 29.06
C THR A 628 10.10 14.91 28.39
N SER A 629 9.90 14.21 27.28
CA SER A 629 8.59 14.20 26.62
C SER A 629 7.88 12.89 26.97
N ALA A 630 6.54 12.94 27.05
CA ALA A 630 5.75 11.71 27.22
C ALA A 630 6.05 10.69 26.10
N TYR A 631 6.12 11.18 24.87
CA TYR A 631 6.29 10.35 23.68
C TYR A 631 7.66 9.66 23.70
N CYS A 632 8.75 10.44 23.64
CA CYS A 632 10.09 9.84 23.55
C CYS A 632 10.46 9.17 24.85
N GLY A 633 9.96 9.73 25.95
CA GLY A 633 10.26 9.19 27.26
C GLY A 633 9.58 7.88 27.49
N SER A 634 8.31 7.72 27.06
CA SER A 634 7.65 6.40 27.19
C SER A 634 8.27 5.38 26.29
N LEU A 635 8.64 5.77 25.07
CA LEU A 635 9.34 4.86 24.16
C LEU A 635 10.65 4.36 24.73
N TRP A 636 11.39 5.27 25.37
CA TRP A 636 12.66 4.90 26.03
C TRP A 636 12.45 3.87 27.14
N LEU A 637 11.42 4.07 27.96
CA LEU A 637 11.12 3.12 29.04
C LEU A 637 10.81 1.74 28.49
N ALA A 638 9.93 1.69 27.49
CA ALA A 638 9.58 0.42 26.87
C ALA A 638 10.80 -0.23 26.22
N ALA A 639 11.65 0.58 25.57
CA ALA A 639 12.84 0.03 24.89
C ALA A 639 13.81 -0.60 25.88
N LEU A 640 13.96 0.05 27.02
CA LEU A 640 14.81 -0.48 28.09
C LEU A 640 14.24 -1.81 28.62
N LYS A 641 12.93 -1.90 28.82
CA LYS A 641 12.30 -3.14 29.23
C LYS A 641 12.44 -4.27 28.19
N ALA A 642 12.26 -3.97 26.91
CA ALA A 642 12.56 -4.94 25.86
C ALA A 642 13.99 -5.45 25.89
N ALA A 643 14.96 -4.55 26.04
CA ALA A 643 16.37 -4.95 26.02
C ALA A 643 16.70 -5.79 27.21
N GLN A 644 16.11 -5.49 28.36
CA GLN A 644 16.23 -6.38 29.54
C GLN A 644 15.79 -7.79 29.21
N GLU A 645 14.67 -7.88 28.52
CA GLU A 645 14.11 -9.17 28.18
C GLU A 645 14.95 -9.90 27.15
N ILE A 646 15.47 -9.18 26.17
CA ILE A 646 16.38 -9.82 25.23
C ILE A 646 17.67 -10.31 25.94
N GLY A 647 18.17 -9.47 26.84
CA GLY A 647 19.28 -9.80 27.73
C GLY A 647 19.09 -11.13 28.41
N LYS A 648 17.90 -11.35 28.93
CA LYS A 648 17.57 -12.63 29.58
C LYS A 648 17.55 -13.78 28.61
N VAL A 649 16.90 -13.58 27.47
CA VAL A 649 16.84 -14.66 26.47
C VAL A 649 18.23 -15.05 26.00
N LEU A 650 19.11 -14.08 25.82
CA LEU A 650 20.42 -14.32 25.28
C LEU A 650 21.46 -14.60 26.37
N LYS A 651 21.02 -14.64 27.62
CA LYS A 651 21.93 -14.86 28.76
C LYS A 651 23.06 -13.84 28.80
N ASP A 652 22.71 -12.57 28.59
CA ASP A 652 23.65 -11.49 28.69
C ASP A 652 23.31 -10.80 30.01
N ASN A 653 23.84 -11.34 31.11
CA ASN A 653 23.46 -10.89 32.45
C ASN A 653 23.78 -9.43 32.73
N GLU A 654 24.94 -8.99 32.30
CA GLU A 654 25.40 -7.64 32.55
C GLU A 654 24.55 -6.61 31.81
N ALA A 655 24.11 -6.96 30.60
CA ALA A 655 23.18 -6.10 29.89
C ALA A 655 21.84 -6.03 30.62
N TYR A 656 21.31 -7.17 31.06
CA TYR A 656 20.07 -7.18 31.79
C TYR A 656 20.17 -6.25 33.02
N ILE A 657 21.24 -6.39 33.80
CA ILE A 657 21.42 -5.57 34.99
C ILE A 657 21.50 -4.07 34.65
N LYS A 658 22.25 -3.70 33.62
CA LYS A 658 22.42 -2.32 33.28
C LYS A 658 21.11 -1.71 32.81
N TYR A 659 20.42 -2.40 31.90
CA TYR A 659 19.19 -1.84 31.38
C TYR A 659 18.08 -1.86 32.40
N ASN A 660 18.08 -2.85 33.30
CA ASN A 660 17.17 -2.84 34.44
C ASN A 660 17.38 -1.63 35.37
N GLU A 661 18.64 -1.29 35.64
CA GLU A 661 18.95 -0.13 36.50
C GLU A 661 18.57 1.17 35.83
N TRP A 662 18.89 1.31 34.55
CA TRP A 662 18.44 2.46 33.79
C TRP A 662 16.93 2.58 33.81
N TYR A 663 16.25 1.47 33.63
CA TYR A 663 14.80 1.46 33.58
C TYR A 663 14.16 1.96 34.89
N LYS A 664 14.63 1.45 36.01
CA LYS A 664 14.07 1.84 37.31
C LYS A 664 14.18 3.34 37.60
N ILE A 665 15.33 3.93 37.28
CA ILE A 665 15.58 5.35 37.51
C ILE A 665 14.70 6.19 36.57
N ALA A 666 14.74 5.82 35.29
CA ALA A 666 13.95 6.53 34.30
C ALA A 666 12.45 6.46 34.57
N GLN A 667 11.97 5.29 34.93
CA GLN A 667 10.55 5.09 35.16
C GLN A 667 10.07 5.99 36.31
N GLN A 668 10.81 5.97 37.41
CA GLN A 668 10.52 6.79 38.58
C GLN A 668 10.49 8.28 38.21
N ASN A 669 11.48 8.71 37.43
CA ASN A 669 11.58 10.11 37.08
C ASN A 669 10.54 10.54 36.06
N PHE A 670 10.23 9.65 35.10
CA PHE A 670 9.17 9.92 34.12
C PHE A 670 7.85 10.20 34.83
N GLU A 671 7.50 9.31 35.76
CA GLU A 671 6.26 9.43 36.50
C GLU A 671 6.24 10.76 37.31
N LYS A 672 7.30 11.04 38.07
CA LYS A 672 7.42 12.29 38.82
C LYS A 672 7.29 13.54 37.96
N GLU A 673 7.97 13.55 36.82
CA GLU A 673 8.05 14.71 35.96
C GLU A 673 6.78 15.00 35.17
N LEU A 674 6.01 13.97 34.82
CA LEU A 674 4.95 14.13 33.82
C LEU A 674 3.53 13.78 34.26
N TRP A 675 3.38 12.91 35.23
CA TRP A 675 2.03 12.56 35.69
C TRP A 675 1.41 13.79 36.38
N ASN A 676 0.26 14.25 35.90
CA ASN A 676 -0.44 15.41 36.51
C ASN A 676 -1.75 15.14 37.24
N GLY A 677 -2.11 13.87 37.42
CA GLY A 677 -3.36 13.47 38.09
C GLY A 677 -4.47 12.98 37.17
N GLU A 678 -4.42 13.43 35.91
CA GLU A 678 -5.37 13.04 34.88
C GLU A 678 -4.72 12.40 33.62
N TYR A 679 -3.56 12.92 33.21
CA TYR A 679 -2.83 12.41 32.03
C TYR A 679 -1.36 12.71 32.17
N TYR A 680 -0.56 12.32 31.18
CA TYR A 680 0.86 12.63 31.22
C TYR A 680 1.09 13.86 30.37
N ASN A 681 1.80 14.84 30.93
CA ASN A 681 2.07 16.08 30.20
C ASN A 681 2.86 15.81 28.90
N PHE A 682 2.64 16.64 27.89
CA PHE A 682 3.36 16.57 26.62
C PHE A 682 4.87 16.52 26.86
N ASP A 683 5.36 17.43 27.70
CA ASP A 683 6.78 17.39 28.11
C ASP A 683 7.03 18.28 29.33
N THR A 684 8.28 18.44 29.75
CA THR A 684 8.59 19.18 30.99
C THR A 684 8.98 20.65 30.78
N GLU A 685 9.24 21.08 29.55
CA GLU A 685 9.80 22.40 29.28
C GLU A 685 9.19 23.22 28.13
N SER A 686 8.32 22.67 27.31
CA SER A 686 7.77 23.43 26.18
C SER A 686 6.74 24.50 26.64
N ASP A 687 6.50 25.46 25.76
CA ASP A 687 5.48 26.51 26.02
C ASP A 687 4.07 25.99 26.35
N HIS A 688 3.62 24.93 25.66
CA HIS A 688 2.34 24.28 25.99
C HIS A 688 2.61 22.87 26.48
N LYS A 689 3.48 22.76 27.48
CA LYS A 689 3.85 21.46 28.01
C LYS A 689 2.71 20.62 28.60
N ASP A 690 1.59 21.26 28.93
CA ASP A 690 0.45 20.55 29.49
C ASP A 690 -0.62 20.17 28.43
N SER A 691 -0.30 20.34 27.16
CA SER A 691 -1.18 19.82 26.13
C SER A 691 -1.37 18.27 26.31
N ILE A 692 -2.54 17.81 25.91
CA ILE A 692 -2.91 16.39 25.94
C ILE A 692 -2.51 15.85 24.56
N MET A 693 -1.51 14.99 24.52
CA MET A 693 -1.02 14.45 23.23
C MET A 693 -1.67 13.11 22.98
N ALA A 694 -2.21 12.90 21.78
CA ALA A 694 -2.84 11.60 21.47
C ALA A 694 -1.90 10.40 21.67
N ASP A 695 -0.63 10.61 21.34
CA ASP A 695 0.39 9.61 21.31
C ASP A 695 1.24 9.61 22.57
N GLN A 696 0.79 10.27 23.63
CA GLN A 696 1.64 10.44 24.84
C GLN A 696 2.23 9.16 25.43
N LEU A 697 1.50 8.04 25.35
CA LEU A 697 2.01 6.78 25.92
C LEU A 697 2.31 5.71 24.85
N ALA A 698 2.86 6.13 23.72
CA ALA A 698 3.23 5.19 22.65
C ALA A 698 4.12 4.04 23.13
N GLY A 699 4.99 4.32 24.09
CA GLY A 699 5.79 3.28 24.71
C GLY A 699 4.98 2.18 25.41
N GLN A 700 3.94 2.58 26.10
CA GLN A 700 3.08 1.61 26.80
C GLN A 700 2.23 0.83 25.83
N TRP A 701 1.79 1.49 24.74
CA TRP A 701 1.14 0.81 23.63
C TRP A 701 1.98 -0.39 23.15
N TYR A 702 3.22 -0.11 22.79
CA TYR A 702 4.10 -1.15 22.31
C TYR A 702 4.39 -2.17 23.41
N ALA A 703 4.56 -1.73 24.64
CA ALA A 703 4.79 -2.68 25.73
C ALA A 703 3.62 -3.69 25.86
N ASP A 704 2.40 -3.22 25.67
CA ASP A 704 1.22 -4.14 25.66
C ASP A 704 1.36 -5.20 24.55
N ILE A 705 1.73 -4.76 23.36
CA ILE A 705 1.85 -5.65 22.21
C ILE A 705 2.97 -6.65 22.44
N LEU A 706 4.06 -6.18 23.05
CA LEU A 706 5.25 -7.00 23.27
C LEU A 706 5.13 -7.84 24.56
N ARG A 707 4.01 -7.71 25.30
CA ARG A 707 3.76 -8.44 26.55
C ARG A 707 4.84 -8.17 27.61
N LEU A 708 5.22 -6.90 27.70
CA LEU A 708 6.22 -6.43 28.63
C LEU A 708 5.60 -5.91 29.91
N GLY A 709 4.29 -5.99 30.05
CA GLY A 709 3.62 -5.50 31.25
C GLY A 709 3.50 -3.98 31.37
N ASP A 710 3.37 -3.55 32.61
CA ASP A 710 3.13 -2.17 32.95
C ASP A 710 4.46 -1.47 32.96
N ILE A 711 4.61 -0.42 32.17
CA ILE A 711 5.77 0.45 32.35
C ILE A 711 5.38 1.64 33.21
N LEU A 712 4.08 1.91 33.27
CA LEU A 712 3.48 2.93 34.11
C LEU A 712 2.25 2.32 34.81
N PRO A 713 1.76 2.96 35.88
CA PRO A 713 0.64 2.35 36.66
C PRO A 713 -0.62 2.22 35.82
N LYS A 714 -1.23 1.05 35.87
CA LYS A 714 -2.46 0.75 35.12
C LYS A 714 -3.52 1.85 35.26
N ASP A 715 -3.74 2.29 36.49
CA ASP A 715 -4.78 3.27 36.77
C ASP A 715 -4.49 4.57 36.02
N HIS A 716 -3.23 5.01 36.02
CA HIS A 716 -2.82 6.26 35.34
C HIS A 716 -2.92 6.14 33.82
N VAL A 717 -2.54 4.97 33.30
CA VAL A 717 -2.69 4.67 31.82
C VAL A 717 -4.14 4.76 31.42
N GLN A 718 -4.99 4.12 32.22
CA GLN A 718 -6.42 4.14 31.95
C GLN A 718 -7.01 5.53 31.99
N LYS A 719 -6.61 6.32 32.98
CA LYS A 719 -7.05 7.71 33.06
C LYS A 719 -6.59 8.52 31.87
N ALA A 720 -5.36 8.29 31.44
CA ALA A 720 -4.82 9.06 30.32
C ALA A 720 -5.57 8.71 29.02
N LEU A 721 -5.83 7.41 28.79
CA LEU A 721 -6.55 7.00 27.56
C LEU A 721 -7.99 7.53 27.55
N LYS A 722 -8.64 7.51 28.72
CA LYS A 722 -9.96 8.13 28.85
C LYS A 722 -9.97 9.63 28.55
N LYS A 723 -8.93 10.33 29.01
CA LYS A 723 -8.78 11.75 28.73
C LYS A 723 -8.62 12.01 27.25
N ILE A 724 -7.75 11.20 26.63
CA ILE A 724 -7.51 11.32 25.17
C ILE A 724 -8.81 11.11 24.39
N TYR A 725 -9.54 10.07 24.77
CA TYR A 725 -10.85 9.84 24.12
C TYR A 725 -11.81 11.03 24.33
N GLU A 726 -11.92 11.46 25.58
CA GLU A 726 -12.84 12.56 25.94
C GLU A 726 -12.46 13.87 25.27
N PHE A 727 -11.15 14.13 25.13
CA PHE A 727 -10.68 15.39 24.54
C PHE A 727 -10.31 15.29 23.04
N ASN A 728 -9.15 14.72 22.76
CA ASN A 728 -8.60 14.63 21.39
C ASN A 728 -9.53 13.98 20.36
N VAL A 729 -10.35 13.02 20.79
CA VAL A 729 -11.36 12.46 19.89
C VAL A 729 -12.68 13.24 19.99
N MET A 730 -13.35 13.18 21.15
CA MET A 730 -14.77 13.68 21.24
C MET A 730 -14.93 15.17 21.17
N LYS A 731 -13.90 15.94 21.50
CA LYS A 731 -13.98 17.39 21.30
C LYS A 731 -13.39 17.89 19.97
N PHE A 732 -13.05 16.96 19.07
CA PHE A 732 -12.57 17.33 17.74
C PHE A 732 -13.61 16.88 16.75
N GLU A 733 -14.41 17.82 16.26
CA GLU A 733 -15.47 17.53 15.28
C GLU A 733 -16.34 16.33 15.71
N ASN A 734 -16.76 16.34 16.98
N ASN A 734 -16.78 16.34 16.97
CA ASN A 734 -17.69 15.36 17.53
CA ASN A 734 -17.70 15.35 17.53
C ASN A 734 -17.22 13.91 17.41
C ASN A 734 -17.23 13.90 17.40
N GLY A 735 -15.90 13.70 17.45
CA GLY A 735 -15.34 12.36 17.32
C GLY A 735 -15.56 11.66 16.00
N LYS A 736 -15.83 12.40 14.94
CA LYS A 736 -16.11 11.78 13.64
C LYS A 736 -14.94 11.83 12.68
N MET A 737 -13.74 12.18 13.15
CA MET A 737 -12.60 12.34 12.24
C MET A 737 -11.26 11.79 12.76
N GLY A 738 -11.28 10.99 13.82
CA GLY A 738 -10.07 10.53 14.51
C GLY A 738 -9.60 11.36 15.71
N ALA A 739 -8.36 11.12 16.15
CA ALA A 739 -7.84 11.78 17.32
C ALA A 739 -6.90 12.88 16.88
N VAL A 740 -7.24 14.11 17.25
CA VAL A 740 -6.35 15.25 16.95
C VAL A 740 -5.08 15.09 17.80
N ASN A 741 -3.92 15.48 17.24
CA ASN A 741 -2.66 15.22 17.94
C ASN A 741 -2.49 15.92 19.29
N GLY A 742 -2.89 17.20 19.35
CA GLY A 742 -2.66 18.02 20.54
C GLY A 742 -3.90 18.77 20.95
N MET A 743 -4.31 18.60 22.19
CA MET A 743 -5.41 19.39 22.73
C MET A 743 -4.99 20.08 24.04
N ARG A 744 -5.38 21.34 24.18
CA ARG A 744 -5.14 22.10 25.41
C ARG A 744 -6.11 21.57 26.48
N PRO A 745 -5.74 21.68 27.77
CA PRO A 745 -6.63 21.21 28.85
C PRO A 745 -8.02 21.85 28.92
N ASP A 746 -8.20 23.02 28.32
CA ASP A 746 -9.52 23.65 28.27
C ASP A 746 -10.41 23.12 27.11
N GLY A 747 -9.92 22.14 26.35
CA GLY A 747 -10.71 21.50 25.31
C GLY A 747 -10.66 22.15 23.93
N ILE A 748 -9.66 22.96 23.68
CA ILE A 748 -9.48 23.66 22.39
C ILE A 748 -8.27 23.02 21.77
N VAL A 749 -8.28 22.85 20.45
CA VAL A 749 -7.12 22.25 19.77
C VAL A 749 -5.86 23.11 19.98
N ASP A 750 -4.74 22.43 20.17
CA ASP A 750 -3.43 23.09 20.33
C ASP A 750 -2.97 23.53 18.93
N GLU A 751 -2.76 24.85 18.78
CA GLU A 751 -2.41 25.48 17.51
C GLU A 751 -0.97 25.94 17.40
N SER A 752 -0.11 25.44 18.27
CA SER A 752 1.27 25.85 18.27
C SER A 752 2.03 25.35 17.03
N ASP A 753 1.55 24.27 16.40
CA ASP A 753 2.07 23.81 15.13
C ASP A 753 1.00 23.11 14.32
N ILE A 754 1.17 23.10 13.01
CA ILE A 754 0.21 22.41 12.13
C ILE A 754 0.03 20.93 12.52
N GLN A 755 1.10 20.28 12.97
CA GLN A 755 0.99 18.86 13.37
C GLN A 755 0.15 18.67 14.62
N ALA A 756 0.20 19.60 15.57
CA ALA A 756 -0.64 19.53 16.76
C ALA A 756 -2.11 19.55 16.47
N GLN A 757 -2.48 20.25 15.41
CA GLN A 757 -3.88 20.43 15.08
C GLN A 757 -4.40 19.50 13.98
N ALA A 758 -3.62 18.50 13.59
CA ALA A 758 -4.06 17.47 12.64
C ALA A 758 -4.33 16.14 13.35
N VAL A 759 -5.18 15.35 12.69
CA VAL A 759 -5.31 13.95 12.96
C VAL A 759 -4.31 13.24 12.09
N TRP A 760 -3.49 12.40 12.70
CA TRP A 760 -2.64 11.48 11.91
C TRP A 760 -3.32 10.11 11.87
N THR A 761 -3.66 9.68 10.68
CA THR A 761 -4.37 8.41 10.48
C THR A 761 -3.75 7.20 11.13
N GLY A 762 -2.44 7.04 11.02
CA GLY A 762 -1.75 5.95 11.65
C GLY A 762 -1.60 6.04 13.18
N VAL A 763 -1.46 7.27 13.69
CA VAL A 763 -1.45 7.48 15.14
C VAL A 763 -2.82 7.05 15.73
N THR A 764 -3.88 7.43 15.02
CA THR A 764 -5.20 7.19 15.47
C THR A 764 -5.53 5.69 15.45
N TYR A 765 -5.18 4.96 14.40
CA TYR A 765 -5.46 3.53 14.39
C TYR A 765 -4.63 2.84 15.48
N ALA A 766 -3.42 3.35 15.72
CA ALA A 766 -2.57 2.76 16.75
C ALA A 766 -3.10 3.01 18.16
N LEU A 767 -3.63 4.20 18.36
CA LEU A 767 -4.31 4.54 19.57
C LEU A 767 -5.55 3.67 19.76
N ALA A 768 -6.31 3.43 18.70
CA ALA A 768 -7.44 2.48 18.79
C ALA A 768 -7.01 1.08 19.27
N SER A 769 -5.89 0.59 18.75
CA SER A 769 -5.32 -0.67 19.18
C SER A 769 -5.03 -0.65 20.70
N PHE A 770 -4.39 0.42 21.14
CA PHE A 770 -4.01 0.62 22.57
C PHE A 770 -5.28 0.57 23.44
N MET A 771 -6.29 1.33 23.04
CA MET A 771 -7.56 1.30 23.75
C MET A 771 -8.18 -0.11 23.82
N LYS A 772 -8.21 -0.78 22.67
CA LYS A 772 -8.77 -2.10 22.56
C LYS A 772 -8.09 -3.08 23.55
N TYR A 773 -6.77 -3.12 23.58
N TYR A 773 -6.75 -3.04 23.52
CA TYR A 773 -6.16 -4.12 24.48
CA TYR A 773 -5.85 -3.78 24.44
C TYR A 773 -6.10 -3.61 25.97
C TYR A 773 -6.23 -3.62 25.90
N ARG A 774 -6.51 -2.37 26.24
CA ARG A 774 -6.85 -1.93 27.59
C ARG A 774 -8.35 -2.06 27.95
N GLY A 775 -9.11 -2.78 27.15
CA GLY A 775 -10.53 -3.03 27.41
C GLY A 775 -11.46 -1.89 27.14
N MET A 776 -10.99 -0.82 26.50
CA MET A 776 -11.84 0.31 26.14
C MET A 776 -12.40 0.10 24.72
N THR A 777 -13.24 -0.93 24.59
CA THR A 777 -13.68 -1.46 23.29
C THR A 777 -14.46 -0.44 22.52
N GLU A 778 -15.50 0.15 23.14
CA GLU A 778 -16.29 1.17 22.48
C GLU A 778 -15.44 2.37 22.05
N GLU A 779 -14.58 2.81 22.94
CA GLU A 779 -13.70 3.95 22.66
C GLU A 779 -12.79 3.64 21.46
N ALA A 780 -12.21 2.44 21.48
CA ALA A 780 -11.31 1.98 20.41
C ALA A 780 -11.95 2.08 19.04
N TYR A 781 -13.11 1.48 18.93
CA TYR A 781 -13.79 1.45 17.63
C TYR A 781 -14.35 2.79 17.20
N ASN A 782 -14.87 3.60 18.14
CA ASN A 782 -15.38 4.92 17.83
C ASN A 782 -14.21 5.82 17.36
N THR A 783 -13.04 5.65 17.98
CA THR A 783 -11.85 6.42 17.58
C THR A 783 -11.43 6.04 16.14
N ALA A 784 -11.34 4.74 15.84
CA ALA A 784 -10.99 4.23 14.49
C ALA A 784 -12.06 4.59 13.45
N TYR A 785 -13.33 4.61 13.88
CA TYR A 785 -14.42 4.87 12.93
C TYR A 785 -14.29 6.20 12.17
N GLY A 786 -13.83 7.26 12.84
CA GLY A 786 -13.64 8.58 12.21
C GLY A 786 -12.65 8.50 11.05
N VAL A 787 -11.63 7.67 11.21
CA VAL A 787 -10.65 7.45 10.12
C VAL A 787 -11.28 6.70 8.96
N TYR A 788 -12.00 5.64 9.26
CA TYR A 788 -12.75 4.89 8.23
C TYR A 788 -13.70 5.86 7.48
N LYS A 789 -14.43 6.66 8.24
CA LYS A 789 -15.45 7.51 7.63
C LYS A 789 -14.89 8.55 6.70
N MET A 790 -13.86 9.23 7.16
CA MET A 790 -13.13 10.20 6.32
C MET A 790 -12.53 9.55 5.06
N THR A 791 -12.07 8.30 5.18
CA THR A 791 -11.39 7.65 4.08
C THR A 791 -12.37 7.09 3.07
N TYR A 792 -13.39 6.39 3.53
CA TYR A 792 -14.21 5.56 2.65
C TYR A 792 -15.65 5.96 2.48
N ASP A 793 -16.24 6.63 3.48
CA ASP A 793 -17.68 6.91 3.47
C ASP A 793 -18.06 8.02 2.52
N LYS A 794 -19.29 8.00 2.04
CA LYS A 794 -19.84 9.09 1.24
C LYS A 794 -19.79 10.47 1.95
N SER A 795 -19.83 10.49 3.28
CA SER A 795 -19.73 11.73 4.06
C SER A 795 -18.27 12.12 4.35
N GLY A 796 -17.31 11.36 3.82
CA GLY A 796 -15.89 11.61 4.00
C GLY A 796 -15.29 12.48 2.93
N LYS A 797 -13.97 12.36 2.76
CA LYS A 797 -13.21 13.23 1.88
C LYS A 797 -12.59 12.57 0.64
N GLY A 798 -12.97 11.32 0.39
CA GLY A 798 -12.66 10.62 -0.84
C GLY A 798 -11.18 10.21 -0.93
N TYR A 799 -10.69 9.54 0.10
CA TYR A 799 -9.28 9.13 0.16
C TYR A 799 -9.04 7.62 0.01
N TRP A 800 -10.04 6.91 -0.46
CA TRP A 800 -9.95 5.49 -0.68
C TRP A 800 -8.78 5.13 -1.59
N PHE A 801 -7.98 4.18 -1.16
CA PHE A 801 -6.78 3.78 -1.87
C PHE A 801 -5.77 4.89 -2.05
N ARG A 802 -5.79 5.86 -1.12
CA ARG A 802 -4.73 6.83 -1.00
C ARG A 802 -4.71 7.46 0.39
N THR A 803 -4.91 6.62 1.42
CA THR A 803 -5.04 7.13 2.79
C THR A 803 -3.87 8.05 3.09
N PRO A 804 -4.15 9.31 3.52
CA PRO A 804 -3.04 10.21 3.79
C PRO A 804 -2.45 10.09 5.20
N GLU A 805 -1.30 10.72 5.37
CA GLU A 805 -0.76 10.91 6.71
C GLU A 805 -1.74 11.62 7.63
N ALA A 806 -2.22 12.79 7.19
CA ALA A 806 -2.84 13.74 8.11
C ALA A 806 -3.98 14.48 7.49
N TRP A 807 -4.95 14.87 8.32
CA TRP A 807 -5.92 15.87 7.87
C TRP A 807 -6.19 16.83 9.03
N THR A 808 -6.53 18.06 8.67
CA THR A 808 -6.93 19.10 9.62
C THR A 808 -8.46 19.06 9.73
N LYS A 809 -9.05 19.92 10.59
CA LYS A 809 -10.48 19.84 10.82
C LYS A 809 -11.36 20.09 9.60
N ASP A 810 -10.85 20.82 8.61
CA ASP A 810 -11.57 21.03 7.34
C ASP A 810 -11.60 19.76 6.46
N GLY A 811 -10.84 18.71 6.83
CA GLY A 811 -10.83 17.48 6.08
C GLY A 811 -9.73 17.42 5.02
N ASN A 812 -9.06 18.53 4.77
CA ASN A 812 -8.03 18.55 3.74
C ASN A 812 -6.80 17.92 4.29
N TYR A 813 -5.94 17.46 3.39
CA TYR A 813 -4.90 16.51 3.76
C TYR A 813 -3.44 16.90 3.51
N ARG A 814 -2.56 16.13 4.14
CA ARG A 814 -1.13 16.12 3.81
C ARG A 814 -0.67 14.67 3.57
N ALA A 815 -0.06 14.50 2.39
CA ALA A 815 0.68 13.34 1.94
C ALA A 815 -0.22 12.12 1.73
N SER A 816 -0.90 12.12 0.58
CA SER A 816 -1.72 10.97 0.20
C SER A 816 -0.80 9.75 -0.05
N MET A 817 -1.37 8.55 -0.02
CA MET A 817 -0.65 7.27 -0.23
C MET A 817 0.46 7.11 0.80
N TYR A 818 0.06 6.99 2.06
CA TYR A 818 0.99 7.03 3.19
C TYR A 818 1.08 5.68 3.93
N MET A 819 2.27 5.33 4.42
CA MET A 819 2.52 4.03 5.07
C MET A 819 1.87 3.92 6.46
N ARG A 820 1.91 5.01 7.20
CA ARG A 820 1.57 4.96 8.64
C ARG A 820 0.18 4.32 8.95
N PRO A 821 -0.87 4.59 8.15
CA PRO A 821 -2.14 3.95 8.49
C PRO A 821 -2.30 2.43 8.29
N LEU A 822 -1.26 1.75 7.78
CA LEU A 822 -1.18 0.30 7.89
C LEU A 822 -1.20 -0.19 9.34
N SER A 823 -0.95 0.71 10.28
CA SER A 823 -1.09 0.44 11.73
C SER A 823 -2.49 -0.06 12.14
N ILE A 824 -3.50 0.12 11.30
CA ILE A 824 -4.76 -0.57 11.56
C ILE A 824 -4.57 -2.05 11.92
N TRP A 825 -3.58 -2.71 11.33
CA TRP A 825 -3.35 -4.12 11.63
C TRP A 825 -2.86 -4.40 13.07
N SER A 826 -2.38 -3.38 13.77
CA SER A 826 -2.17 -3.49 15.26
C SER A 826 -3.49 -3.73 16.05
N MET A 827 -4.63 -3.47 15.43
CA MET A 827 -5.91 -3.79 16.06
C MET A 827 -6.23 -5.31 15.99
N GLU A 828 -5.43 -6.09 15.27
CA GLU A 828 -5.61 -7.56 15.10
C GLU A 828 -4.46 -8.45 15.61
N VAL A 829 -3.68 -8.06 16.60
CA VAL A 829 -2.34 -8.77 16.77
C VAL A 829 -2.34 -10.27 17.21
N ASN A 830 -3.53 -10.80 17.45
CA ASN A 830 -3.74 -12.22 17.72
C ASN A 830 -3.83 -13.02 16.40
N TYR A 831 -3.48 -12.41 15.27
CA TYR A 831 -3.70 -13.02 13.95
C TYR A 831 -2.76 -14.19 13.68
C2 BGC B . 9.16 12.39 7.46
C3 BGC B . 8.75 11.60 8.67
C4 BGC B . 7.73 12.39 9.47
C5 BGC B . 6.55 12.84 8.60
C6 BGC B . 5.53 13.68 9.32
C1 BGC B . 7.94 12.89 6.68
O1 BGC B . 8.48 13.74 5.64
O2 BGC B . 10.03 11.65 6.55
O3 BGC B . 9.86 11.26 9.51
O4 BGC B . 7.28 11.57 10.54
O5 BGC B . 7.04 13.61 7.52
O6 BGC B . 4.37 13.77 8.46
C1 GOL C . 8.26 18.87 5.95
O1 GOL C . 7.29 19.61 6.72
C2 GOL C . 7.99 17.35 6.03
O2 GOL C . 9.13 16.66 6.60
C3 GOL C . 6.69 17.01 6.80
O3 GOL C . 6.50 17.65 8.07
C1 GOL D . 3.05 21.62 22.60
O1 GOL D . 2.33 22.30 21.56
C2 GOL D . 4.45 22.22 22.73
O2 GOL D . 4.38 23.58 23.21
C3 GOL D . 5.09 22.23 21.35
O3 GOL D . 6.41 22.70 21.46
C1 GOL E . 11.85 -12.52 2.47
O1 GOL E . 11.74 -13.55 1.49
C2 GOL E . 13.18 -11.79 2.46
O2 GOL E . 13.26 -10.90 1.36
C3 GOL E . 14.37 -12.75 2.39
O3 GOL E . 15.60 -12.03 2.34
C1 GOL F . 28.68 -0.04 23.54
O1 GOL F . 27.57 0.84 23.47
C2 GOL F . 28.51 -0.96 22.38
O2 GOL F . 28.09 -0.06 21.36
C3 GOL F . 27.50 -2.06 22.73
O3 GOL F . 27.35 -3.07 21.67
C1 GOL G . -7.31 10.54 -16.12
O1 GOL G . -8.44 10.11 -16.87
C2 GOL G . -6.37 11.43 -16.93
O2 GOL G . -5.29 11.67 -16.04
C3 GOL G . -5.84 10.84 -18.23
O3 GOL G . -6.15 11.65 -19.40
C1 GOL H . 20.88 -8.77 3.85
O1 GOL H . 20.63 -7.44 3.46
C2 GOL H . 21.50 -8.67 5.24
O2 GOL H . 21.03 -7.46 5.89
C3 GOL H . 21.14 -9.91 6.06
O3 GOL H . 19.74 -10.17 6.08
C1 GOL I . 26.85 5.92 3.71
O1 GOL I . 27.65 5.64 2.56
C2 GOL I . 25.44 6.21 3.21
O2 GOL I . 24.64 5.02 3.38
C3 GOL I . 24.80 7.45 3.83
O3 GOL I . 24.24 8.29 2.79
C1 GOL J . 13.19 17.23 33.86
O1 GOL J . 13.38 17.98 35.07
C2 GOL J . 13.79 17.99 32.67
O2 GOL J . 12.96 19.06 32.20
C3 GOL J . 13.98 17.02 31.51
O3 GOL J . 15.22 16.32 31.56
C1 GOL K . 17.44 -16.64 -15.92
O1 GOL K . 17.26 -15.26 -15.85
C2 GOL K . 17.38 -16.98 -17.39
O2 GOL K . 16.33 -17.91 -17.62
C3 GOL K . 17.11 -15.81 -18.22
O3 GOL K . 15.70 -15.62 -18.17
C1 EDO L . 4.12 -0.17 -6.12
O1 EDO L . 3.69 1.16 -5.88
C2 EDO L . 4.79 -0.37 -7.45
O2 EDO L . 6.09 0.23 -7.59
C1 EDO M . -0.52 18.62 9.27
O1 EDO M . -0.15 18.29 8.00
C2 EDO M . -0.29 17.48 10.10
O2 EDO M . 0.97 17.17 10.13
CA CA N . 17.13 13.84 30.84
#